data_6P61
#
_entry.id   6P61
#
_cell.length_a   56.250
_cell.length_b   123.170
_cell.length_c   76.770
_cell.angle_alpha   90.000
_cell.angle_beta   92.440
_cell.angle_gamma   90.000
#
_symmetry.space_group_name_H-M   'P 1 21 1'
#
loop_
_entity.id
_entity.type
_entity.pdbx_description
1 polymer Glycosyltransferase
2 non-polymer 1,2-ETHANEDIOL
3 non-polymer 'CITRIC ACID'
4 non-polymer GLYCEROL
5 water water
#
_entity_poly.entity_id   1
_entity_poly.type   'polypeptide(L)'
_entity_poly.pdbx_seq_one_letter_code
;MAHHHHHHMKKAPTVSVIVAAFNQEKYIGRCIRSLLNQNFPKEDYEIIIINDGSTDKTKYALEIFGKEIKVIENESNKGL
SASLNLGIRSALGQFIVRVDADDYVNSDYVSILHKFLSYNPNFDAVACDYYLVDDHEDFLSRKNCMIDPIGCGIMFRIEQ
LIDIGLYDDGFLSHEDKDLRIRFEKKYSIHRVELPLYRYRRHDSNMTNDSELMDERMKSLREKHKDQP
;
_entity_poly.pdbx_strand_id   A,B,C,D
#
loop_
_chem_comp.id
_chem_comp.type
_chem_comp.name
_chem_comp.formula
CIT non-polymer 'CITRIC ACID' 'C6 H8 O7'
EDO non-polymer 1,2-ETHANEDIOL 'C2 H6 O2'
GOL non-polymer GLYCEROL 'C3 H8 O3'
#
# COMPACT_ATOMS: atom_id res chain seq x y z
N LYS A 10 34.64 -10.21 15.48
CA LYS A 10 34.94 -8.87 15.97
C LYS A 10 33.82 -8.31 16.86
N LYS A 11 34.19 -7.40 17.75
CA LYS A 11 33.22 -6.65 18.52
C LYS A 11 32.62 -5.53 17.66
N ALA A 12 31.31 -5.38 17.74
CA ALA A 12 30.67 -4.30 16.99
C ALA A 12 31.04 -2.96 17.63
N PRO A 13 31.44 -1.96 16.84
CA PRO A 13 31.67 -0.65 17.43
C PRO A 13 30.35 -0.03 17.85
N THR A 14 30.42 0.85 18.85
CA THR A 14 29.21 1.56 19.25
CA THR A 14 29.25 1.59 19.31
C THR A 14 29.04 2.89 18.54
N VAL A 15 30.14 3.53 18.13
CA VAL A 15 30.10 4.84 17.47
C VAL A 15 30.63 4.68 16.05
N SER A 16 29.88 5.20 15.07
CA SER A 16 30.35 5.24 13.69
C SER A 16 30.51 6.70 13.28
N VAL A 17 31.72 7.06 12.84
CA VAL A 17 32.03 8.40 12.36
C VAL A 17 32.02 8.38 10.83
N ILE A 18 31.25 9.28 10.22
CA ILE A 18 31.07 9.33 8.76
C ILE A 18 31.73 10.58 8.22
N VAL A 19 32.57 10.41 7.19
CA VAL A 19 33.23 11.52 6.51
C VAL A 19 33.03 11.37 5.01
N ALA A 20 32.26 12.26 4.42
CA ALA A 20 32.11 12.32 2.95
C ALA A 20 33.20 13.22 2.38
N ALA A 21 33.95 12.71 1.39
CA ALA A 21 35.16 13.38 0.94
C ALA A 21 35.18 13.44 -0.58
N PHE A 22 35.13 14.64 -1.13
CA PHE A 22 35.29 14.88 -2.56
C PHE A 22 36.43 15.90 -2.73
N ASN A 23 37.56 15.45 -3.27
CA ASN A 23 38.71 16.31 -3.54
C ASN A 23 39.15 17.08 -2.30
N GLN A 24 39.46 16.33 -1.24
CA GLN A 24 39.85 16.91 0.04
C GLN A 24 41.31 16.64 0.37
N GLU A 25 42.18 16.63 -0.65
CA GLU A 25 43.58 16.28 -0.41
C GLU A 25 44.26 17.20 0.60
N LYS A 26 43.83 18.47 0.69
CA LYS A 26 44.55 19.44 1.52
C LYS A 26 44.32 19.18 3.01
N TYR A 27 43.13 18.76 3.39
CA TYR A 27 42.76 18.72 4.80
C TYR A 27 42.44 17.33 5.34
N ILE A 28 42.25 16.33 4.47
CA ILE A 28 41.74 15.05 4.95
C ILE A 28 42.74 14.37 5.87
N GLY A 29 44.04 14.68 5.73
CA GLY A 29 45.02 14.04 6.60
C GLY A 29 44.89 14.48 8.04
N ARG A 30 44.75 15.79 8.26
CA ARG A 30 44.52 16.30 9.61
C ARG A 30 43.22 15.75 10.19
N CYS A 31 42.19 15.67 9.36
CA CYS A 31 40.91 15.13 9.82
C CYS A 31 41.07 13.71 10.32
N ILE A 32 41.64 12.82 9.50
CA ILE A 32 41.72 11.42 9.88
C ILE A 32 42.64 11.22 11.08
N ARG A 33 43.78 11.93 11.10
CA ARG A 33 44.70 11.81 12.25
CA ARG A 33 44.70 11.80 12.24
C ARG A 33 44.00 12.17 13.55
N SER A 34 43.14 13.20 13.54
CA SER A 34 42.47 13.57 14.79
C SER A 34 41.46 12.51 15.19
N LEU A 35 40.82 11.85 14.20
CA LEU A 35 39.88 10.77 14.50
C LEU A 35 40.60 9.51 14.98
N LEU A 36 41.80 9.26 14.47
CA LEU A 36 42.56 8.10 14.96
C LEU A 36 43.18 8.37 16.31
N ASN A 37 43.33 9.64 16.71
CA ASN A 37 43.96 10.03 17.95
C ASN A 37 42.94 10.16 19.11
N GLN A 38 41.84 9.43 19.05
CA GLN A 38 40.83 9.53 20.09
C GLN A 38 41.21 8.69 21.31
N ASN A 39 40.88 9.19 22.50
CA ASN A 39 41.13 8.40 23.70
CA ASN A 39 41.07 8.45 23.75
C ASN A 39 40.05 7.33 23.93
N PHE A 40 39.11 7.22 23.03
CA PHE A 40 38.08 6.18 23.05
C PHE A 40 38.68 4.84 22.60
N PRO A 41 38.26 3.71 23.16
CA PRO A 41 38.85 2.42 22.75
C PRO A 41 38.63 2.15 21.27
N LYS A 42 39.68 1.64 20.61
CA LYS A 42 39.63 1.43 19.16
C LYS A 42 38.49 0.51 18.78
N GLU A 43 38.23 -0.51 19.60
CA GLU A 43 37.18 -1.48 19.28
C GLU A 43 35.79 -0.88 19.37
N ASP A 44 35.64 0.29 19.98
CA ASP A 44 34.32 0.86 20.23
C ASP A 44 33.90 1.89 19.20
N TYR A 45 34.74 2.20 18.21
CA TYR A 45 34.29 3.11 17.16
C TYR A 45 34.94 2.72 15.84
N GLU A 46 34.35 3.21 14.75
CA GLU A 46 34.89 3.02 13.42
C GLU A 46 34.86 4.35 12.68
N ILE A 47 35.78 4.50 11.73
CA ILE A 47 35.86 5.68 10.86
C ILE A 47 35.52 5.24 9.46
N ILE A 48 34.46 5.81 8.89
CA ILE A 48 33.96 5.45 7.57
C ILE A 48 34.11 6.68 6.67
N ILE A 49 35.01 6.60 5.69
CA ILE A 49 35.25 7.68 4.74
C ILE A 49 34.64 7.27 3.41
N ILE A 50 33.83 8.14 2.83
CA ILE A 50 33.36 7.95 1.46
C ILE A 50 34.22 8.84 0.56
N ASN A 51 35.04 8.22 -0.28
CA ASN A 51 35.72 8.93 -1.37
C ASN A 51 34.75 9.02 -2.53
N ASP A 52 34.13 10.19 -2.69
CA ASP A 52 33.03 10.36 -3.64
C ASP A 52 33.56 10.81 -5.00
N GLY A 53 34.32 9.91 -5.63
CA GLY A 53 34.81 10.18 -6.97
C GLY A 53 35.87 11.27 -7.05
N SER A 54 36.73 11.37 -6.04
CA SER A 54 37.79 12.38 -6.07
C SER A 54 38.73 12.16 -7.25
N THR A 55 39.23 13.27 -7.79
CA THR A 55 40.23 13.22 -8.85
C THR A 55 41.59 13.72 -8.38
N ASP A 56 41.72 14.18 -7.14
CA ASP A 56 43.01 14.62 -6.63
C ASP A 56 43.68 13.48 -5.87
N LYS A 57 44.52 13.81 -4.88
CA LYS A 57 45.26 12.79 -4.15
C LYS A 57 44.47 12.23 -2.97
N THR A 58 43.15 12.45 -2.93
CA THR A 58 42.36 11.98 -1.80
C THR A 58 42.45 10.45 -1.66
N LYS A 59 42.38 9.73 -2.78
CA LYS A 59 42.44 8.26 -2.73
C LYS A 59 43.75 7.79 -2.11
N TYR A 60 44.85 8.45 -2.45
CA TYR A 60 46.14 8.09 -1.87
C TYR A 60 46.20 8.45 -0.40
N ALA A 61 45.68 9.63 -0.04
CA ALA A 61 45.61 10.01 1.37
C ALA A 61 44.91 8.93 2.20
N LEU A 62 43.81 8.37 1.69
CA LEU A 62 43.12 7.34 2.44
C LEU A 62 43.96 6.06 2.51
N GLU A 63 44.68 5.73 1.43
CA GLU A 63 45.52 4.53 1.45
C GLU A 63 46.61 4.62 2.50
N ILE A 64 47.06 5.84 2.82
CA ILE A 64 48.11 6.02 3.81
CA ILE A 64 48.10 6.05 3.83
C ILE A 64 47.72 5.35 5.13
N PHE A 65 46.44 5.42 5.50
CA PHE A 65 45.99 4.94 6.80
C PHE A 65 45.57 3.47 6.79
N GLY A 66 45.59 2.80 5.64
CA GLY A 66 45.46 1.35 5.62
C GLY A 66 44.15 0.87 6.24
N LYS A 67 44.27 -0.14 7.12
CA LYS A 67 43.10 -0.77 7.72
C LYS A 67 42.60 -0.02 8.95
N GLU A 68 43.17 1.13 9.29
CA GLU A 68 42.70 1.87 10.45
C GLU A 68 41.37 2.57 10.17
N ILE A 69 40.99 2.68 8.89
CA ILE A 69 39.74 3.28 8.46
C ILE A 69 39.04 2.34 7.49
N LYS A 70 37.74 2.55 7.34
CA LYS A 70 36.93 1.87 6.34
C LYS A 70 36.65 2.86 5.22
N VAL A 71 36.93 2.47 3.98
CA VAL A 71 36.79 3.38 2.84
C VAL A 71 35.73 2.83 1.89
N ILE A 72 34.77 3.68 1.54
CA ILE A 72 33.84 3.42 0.44
C ILE A 72 34.25 4.32 -0.72
N GLU A 73 34.49 3.73 -1.88
CA GLU A 73 34.95 4.49 -3.05
C GLU A 73 33.87 4.50 -4.12
N ASN A 74 33.43 5.69 -4.51
CA ASN A 74 32.57 5.84 -5.68
C ASN A 74 33.44 6.08 -6.90
N GLU A 75 33.13 5.39 -8.00
CA GLU A 75 33.91 5.55 -9.23
C GLU A 75 33.76 6.97 -9.77
N SER A 76 32.56 7.54 -9.69
CA SER A 76 32.31 8.91 -10.09
C SER A 76 31.61 9.64 -8.95
N ASN A 77 31.52 10.95 -9.07
CA ASN A 77 30.98 11.77 -8.00
C ASN A 77 29.46 11.63 -7.96
N LYS A 78 28.94 11.08 -6.86
CA LYS A 78 27.50 10.85 -6.70
C LYS A 78 26.81 11.93 -5.87
N GLY A 79 27.56 12.75 -5.14
CA GLY A 79 26.96 13.82 -4.37
C GLY A 79 26.90 13.48 -2.88
N LEU A 80 26.62 14.51 -2.09
CA LEU A 80 26.69 14.37 -0.64
C LEU A 80 25.64 13.38 -0.13
N SER A 81 24.40 13.49 -0.61
CA SER A 81 23.32 12.67 -0.07
C SER A 81 23.56 11.20 -0.37
N ALA A 82 23.93 10.88 -1.61
CA ALA A 82 24.23 9.49 -1.94
C ALA A 82 25.40 8.97 -1.12
N SER A 83 26.42 9.81 -0.93
CA SER A 83 27.60 9.37 -0.18
C SER A 83 27.27 9.12 1.29
N LEU A 84 26.50 10.03 1.90
CA LEU A 84 26.15 9.84 3.31
C LEU A 84 25.24 8.63 3.48
N ASN A 85 24.32 8.41 2.53
CA ASN A 85 23.49 7.22 2.55
C ASN A 85 24.34 5.95 2.56
N LEU A 86 25.34 5.89 1.66
CA LEU A 86 26.20 4.71 1.63
C LEU A 86 26.92 4.53 2.96
N GLY A 87 27.50 5.60 3.49
CA GLY A 87 28.27 5.46 4.72
C GLY A 87 27.41 5.04 5.90
N ILE A 88 26.23 5.66 6.05
CA ILE A 88 25.40 5.35 7.22
C ILE A 88 24.80 3.95 7.09
N ARG A 89 24.37 3.56 5.89
CA ARG A 89 23.89 2.20 5.71
C ARG A 89 24.94 1.17 6.08
N SER A 90 26.22 1.48 5.88
CA SER A 90 27.29 0.54 6.19
C SER A 90 27.69 0.57 7.65
N ALA A 91 27.21 1.54 8.40
CA ALA A 91 27.69 1.76 9.76
C ALA A 91 27.23 0.64 10.70
N LEU A 92 28.11 0.23 11.60
CA LEU A 92 27.80 -0.83 12.56
C LEU A 92 27.40 -0.29 13.93
N GLY A 93 27.64 0.99 14.21
CA GLY A 93 27.35 1.51 15.52
C GLY A 93 25.93 2.01 15.66
N GLN A 94 25.50 2.15 16.90
CA GLN A 94 24.19 2.71 17.18
CA GLN A 94 24.20 2.71 17.20
C GLN A 94 24.23 4.23 17.33
N PHE A 95 25.41 4.81 17.48
CA PHE A 95 25.58 6.25 17.52
C PHE A 95 26.32 6.69 16.26
N ILE A 96 25.82 7.72 15.60
CA ILE A 96 26.31 8.18 14.32
C ILE A 96 26.70 9.65 14.43
N VAL A 97 27.85 10.01 13.89
CA VAL A 97 28.26 11.40 13.85
C VAL A 97 28.98 11.67 12.52
N ARG A 98 28.64 12.79 11.89
CA ARG A 98 29.33 13.22 10.67
C ARG A 98 30.41 14.23 11.04
N VAL A 99 31.61 14.02 10.50
CA VAL A 99 32.69 15.00 10.62
C VAL A 99 33.05 15.45 9.21
N ASP A 100 33.15 16.76 9.01
CA ASP A 100 33.57 17.28 7.71
C ASP A 100 35.05 16.98 7.47
N ALA A 101 35.40 16.76 6.19
CA ALA A 101 36.75 16.34 5.84
C ALA A 101 37.79 17.45 6.07
N ASP A 102 37.37 18.73 6.05
CA ASP A 102 38.27 19.83 6.35
C ASP A 102 38.21 20.28 7.80
N ASP A 103 37.44 19.60 8.65
CA ASP A 103 37.41 19.83 10.08
C ASP A 103 38.27 18.79 10.79
N TYR A 104 38.38 18.92 12.11
CA TYR A 104 39.02 17.88 12.92
C TYR A 104 38.56 18.08 14.36
N VAL A 105 38.94 17.13 15.23
CA VAL A 105 38.39 17.09 16.58
C VAL A 105 39.49 16.88 17.61
N ASN A 106 39.20 17.34 18.83
CA ASN A 106 40.02 17.07 20.01
C ASN A 106 39.99 15.57 20.34
N SER A 107 41.05 15.11 21.03
CA SER A 107 41.20 13.69 21.33
C SER A 107 40.12 13.14 22.26
N ASP A 108 39.40 14.00 23.00
CA ASP A 108 38.33 13.56 23.89
C ASP A 108 36.94 13.72 23.28
N TYR A 109 36.87 14.06 22.01
CA TYR A 109 35.59 14.40 21.37
C TYR A 109 34.62 13.21 21.38
N VAL A 110 35.04 12.07 20.82
CA VAL A 110 34.12 10.94 20.71
C VAL A 110 33.72 10.41 22.09
N SER A 111 34.69 10.24 22.97
CA SER A 111 34.42 9.67 24.29
CA SER A 111 34.39 9.66 24.27
C SER A 111 33.43 10.52 25.07
N ILE A 112 33.60 11.85 25.03
CA ILE A 112 32.76 12.74 25.84
CA ILE A 112 32.76 12.70 25.86
C ILE A 112 31.35 12.77 25.31
N LEU A 113 31.19 12.95 23.99
CA LEU A 113 29.84 12.93 23.43
C LEU A 113 29.16 11.60 23.70
N HIS A 114 29.89 10.49 23.53
CA HIS A 114 29.27 9.18 23.78
C HIS A 114 28.88 9.04 25.25
N LYS A 115 29.73 9.52 26.15
CA LYS A 115 29.43 9.43 27.57
C LYS A 115 28.13 10.14 27.89
N PHE A 116 27.92 11.33 27.33
CA PHE A 116 26.69 12.07 27.64
C PHE A 116 25.46 11.37 27.09
N LEU A 117 25.56 10.74 25.92
CA LEU A 117 24.43 9.95 25.43
C LEU A 117 24.24 8.67 26.23
N SER A 118 25.33 7.98 26.55
CA SER A 118 25.23 6.70 27.24
CA SER A 118 25.21 6.71 27.23
C SER A 118 24.61 6.87 28.63
N TYR A 119 24.99 7.92 29.34
CA TYR A 119 24.48 8.11 30.70
C TYR A 119 23.14 8.81 30.75
N ASN A 120 22.66 9.39 29.65
CA ASN A 120 21.44 10.19 29.66
C ASN A 120 20.57 9.75 28.50
N PRO A 121 19.80 8.67 28.70
CA PRO A 121 18.88 8.21 27.64
C PRO A 121 17.87 9.27 27.23
N ASN A 122 17.60 10.22 28.12
CA ASN A 122 16.70 11.32 27.81
C ASN A 122 17.28 12.31 26.81
N PHE A 123 18.60 12.33 26.61
CA PHE A 123 19.19 13.20 25.60
C PHE A 123 19.11 12.51 24.24
N ASP A 124 18.41 13.12 23.29
CA ASP A 124 18.25 12.49 21.99
C ASP A 124 19.55 12.51 21.19
N ALA A 125 20.16 13.69 21.08
CA ALA A 125 21.41 13.87 20.36
C ALA A 125 22.24 14.86 21.15
N VAL A 126 23.56 14.84 20.93
CA VAL A 126 24.46 15.80 21.59
C VAL A 126 25.35 16.46 20.56
N ALA A 127 25.65 17.73 20.80
CA ALA A 127 26.69 18.43 20.08
C ALA A 127 27.51 19.21 21.09
N CYS A 128 28.71 19.64 20.70
CA CYS A 128 29.53 20.42 21.61
C CYS A 128 29.92 21.73 20.96
N ASP A 129 30.56 22.59 21.74
CA ASP A 129 31.04 23.84 21.19
C ASP A 129 32.23 23.57 20.29
N TYR A 130 32.63 24.59 19.54
CA TYR A 130 33.72 24.39 18.59
C TYR A 130 34.53 25.67 18.45
N TYR A 131 35.75 25.49 17.97
CA TYR A 131 36.59 26.60 17.58
C TYR A 131 36.56 26.75 16.06
N LEU A 132 36.51 27.99 15.61
CA LEU A 132 36.82 28.30 14.23
CA LEU A 132 36.82 28.31 14.23
C LEU A 132 38.33 28.30 14.06
N VAL A 133 38.82 27.57 13.06
CA VAL A 133 40.27 27.45 12.83
C VAL A 133 40.60 27.81 11.40
N ASP A 134 41.84 28.26 11.18
CA ASP A 134 42.31 28.60 9.84
C ASP A 134 43.10 27.42 9.27
N ASP A 135 43.73 27.62 8.11
CA ASP A 135 44.46 26.55 7.45
C ASP A 135 45.69 26.12 8.22
N HIS A 136 46.14 26.91 9.20
CA HIS A 136 47.28 26.56 10.04
C HIS A 136 46.87 26.13 11.44
N GLU A 137 45.60 25.73 11.61
CA GLU A 137 45.12 25.19 12.88
CA GLU A 137 45.06 25.21 12.87
C GLU A 137 45.20 26.20 14.02
N ASP A 138 45.21 27.50 13.71
CA ASP A 138 45.09 28.52 14.75
C ASP A 138 43.63 28.63 15.16
N PHE A 139 43.36 28.64 16.48
CA PHE A 139 42.01 28.84 17.00
C PHE A 139 41.65 30.32 16.87
N LEU A 140 40.71 30.64 15.99
CA LEU A 140 40.36 32.03 15.76
C LEU A 140 39.33 32.54 16.77
N SER A 141 38.36 31.70 17.15
CA SER A 141 37.33 32.10 18.09
C SER A 141 36.55 30.86 18.51
N ARG A 142 35.91 30.94 19.68
CA ARG A 142 35.08 29.86 20.19
C ARG A 142 33.63 30.17 19.91
N LYS A 143 32.88 29.19 19.43
CA LYS A 143 31.48 29.34 19.09
C LYS A 143 30.63 28.41 19.95
N ASN A 144 29.51 28.95 20.43
CA ASN A 144 28.48 28.17 21.09
C ASN A 144 27.65 27.45 20.02
N CYS A 145 27.54 26.13 20.13
CA CYS A 145 26.89 25.36 19.06
C CYS A 145 25.39 25.58 18.97
N MET A 146 24.75 26.15 19.99
CA MET A 146 23.34 26.48 19.86
C MET A 146 23.13 27.86 19.27
N ILE A 147 24.05 28.79 19.56
CA ILE A 147 23.96 30.13 18.99
C ILE A 147 24.37 30.11 17.52
N ASP A 148 25.43 29.36 17.19
CA ASP A 148 25.96 29.25 15.83
C ASP A 148 26.01 27.78 15.43
N PRO A 149 24.87 27.16 15.15
CA PRO A 149 24.87 25.73 14.82
C PRO A 149 25.57 25.47 13.50
N ILE A 150 26.20 24.29 13.42
CA ILE A 150 26.76 23.83 12.16
C ILE A 150 26.11 22.49 11.80
N GLY A 151 26.39 22.03 10.58
CA GLY A 151 25.76 20.83 10.07
C GLY A 151 26.44 19.53 10.43
N CYS A 152 27.65 19.58 10.99
CA CYS A 152 28.42 18.40 11.35
CA CYS A 152 28.37 18.38 11.36
C CYS A 152 28.70 18.38 12.85
N GLY A 153 29.20 17.24 13.32
CA GLY A 153 29.65 17.15 14.70
C GLY A 153 28.57 16.83 15.71
N ILE A 154 27.37 16.48 15.27
CA ILE A 154 26.25 16.13 16.14
C ILE A 154 26.18 14.61 16.20
N MET A 155 26.24 14.05 17.41
CA MET A 155 26.16 12.61 17.58
C MET A 155 24.70 12.22 17.81
N PHE A 156 24.18 11.34 16.97
CA PHE A 156 22.77 10.97 16.93
C PHE A 156 22.59 9.50 17.28
N ARG A 157 21.38 9.14 17.71
CA ARG A 157 20.99 7.73 17.84
C ARG A 157 20.38 7.29 16.50
N ILE A 158 20.93 6.23 15.90
CA ILE A 158 20.58 5.85 14.52
C ILE A 158 19.06 5.67 14.34
N GLU A 159 18.38 5.01 15.30
CA GLU A 159 16.97 4.74 15.04
C GLU A 159 16.12 6.01 15.04
N GLN A 160 16.56 7.06 15.75
CA GLN A 160 15.84 8.33 15.72
C GLN A 160 16.01 9.01 14.36
N LEU A 161 17.20 8.92 13.76
CA LEU A 161 17.41 9.45 12.42
C LEU A 161 16.53 8.72 11.42
N ILE A 162 16.51 7.39 11.48
CA ILE A 162 15.65 6.60 10.59
C ILE A 162 14.19 7.01 10.77
N ASP A 163 13.79 7.25 12.02
CA ASP A 163 12.41 7.64 12.33
C ASP A 163 11.99 8.91 11.60
N ILE A 164 12.91 9.87 11.42
CA ILE A 164 12.50 11.12 10.78
C ILE A 164 12.64 11.09 9.26
N GLY A 165 13.08 9.97 8.69
CA GLY A 165 13.13 9.79 7.26
C GLY A 165 14.52 9.85 6.66
N LEU A 166 15.56 9.59 7.47
CA LEU A 166 16.97 9.71 7.06
C LEU A 166 17.24 9.17 5.65
N TYR A 167 16.73 7.98 5.35
CA TYR A 167 17.07 7.28 4.12
C TYR A 167 16.14 7.63 2.96
N ASP A 168 15.15 8.48 3.17
CA ASP A 168 14.25 8.83 2.07
C ASP A 168 15.03 9.49 0.94
N ASP A 169 14.59 9.25 -0.30
CA ASP A 169 15.32 9.74 -1.46
C ASP A 169 15.38 11.26 -1.47
N GLY A 170 16.58 11.80 -1.38
CA GLY A 170 16.80 13.24 -1.39
C GLY A 170 16.93 13.86 -0.01
N PHE A 171 16.54 13.14 1.05
CA PHE A 171 16.54 13.72 2.39
C PHE A 171 17.89 14.34 2.75
N LEU A 172 18.98 13.58 2.59
CA LEU A 172 20.29 14.06 3.01
C LEU A 172 20.94 15.03 2.03
N SER A 173 20.23 15.46 0.99
CA SER A 173 20.69 16.53 0.12
C SER A 173 20.22 17.91 0.58
N HIS A 174 19.37 17.97 1.59
CA HIS A 174 18.75 19.23 1.97
C HIS A 174 19.67 20.04 2.87
N GLU A 175 19.36 21.32 3.01
CA GLU A 175 20.20 22.24 3.76
C GLU A 175 20.24 21.85 5.24
N ASP A 176 21.39 22.12 5.87
CA ASP A 176 21.57 21.74 7.27
C ASP A 176 20.49 22.32 8.16
N LYS A 177 20.14 23.61 7.94
CA LYS A 177 19.13 24.23 8.78
C LYS A 177 17.79 23.53 8.63
N ASP A 178 17.49 23.01 7.43
CA ASP A 178 16.23 22.32 7.23
C ASP A 178 16.23 20.92 7.84
N LEU A 179 17.36 20.22 7.75
CA LEU A 179 17.46 18.92 8.43
C LEU A 179 17.32 19.08 9.93
N ARG A 180 17.89 20.15 10.48
CA ARG A 180 17.78 20.40 11.91
C ARG A 180 16.33 20.63 12.32
N ILE A 181 15.58 21.39 11.51
CA ILE A 181 14.17 21.60 11.80
C ILE A 181 13.41 20.27 11.83
N ARG A 182 13.71 19.39 10.86
CA ARG A 182 13.03 18.10 10.82
C ARG A 182 13.36 17.25 12.05
N PHE A 183 14.61 17.27 12.49
CA PHE A 183 14.96 16.50 13.68
C PHE A 183 14.27 17.08 14.92
N GLU A 184 14.22 18.41 15.00
CA GLU A 184 13.72 19.05 16.22
C GLU A 184 12.20 19.07 16.28
N LYS A 185 11.51 18.55 15.26
CA LYS A 185 10.06 18.40 15.37
C LYS A 185 9.72 17.50 16.56
N LYS A 186 10.44 16.40 16.73
CA LYS A 186 10.18 15.46 17.82
C LYS A 186 11.33 15.32 18.80
N TYR A 187 12.56 15.63 18.41
CA TYR A 187 13.73 15.36 19.24
C TYR A 187 14.47 16.66 19.54
N SER A 188 15.46 16.59 20.43
CA SER A 188 16.21 17.79 20.78
C SER A 188 17.70 17.47 20.87
N ILE A 189 18.50 18.45 20.49
CA ILE A 189 19.95 18.34 20.56
C ILE A 189 20.41 18.95 21.87
N HIS A 190 21.19 18.20 22.64
CA HIS A 190 21.71 18.67 23.92
C HIS A 190 23.11 19.23 23.72
N ARG A 191 23.33 20.46 24.16
CA ARG A 191 24.65 21.07 24.06
C ARG A 191 25.57 20.62 25.21
N VAL A 192 26.76 20.13 24.85
CA VAL A 192 27.83 19.85 25.79
C VAL A 192 28.79 21.05 25.79
N GLU A 193 28.99 21.66 26.95
CA GLU A 193 29.65 22.96 27.01
C GLU A 193 31.17 22.85 27.03
N LEU A 194 31.72 22.11 26.07
CA LEU A 194 33.17 21.96 25.87
C LEU A 194 33.51 22.19 24.40
N PRO A 195 34.57 22.96 24.10
CA PRO A 195 34.94 23.21 22.68
C PRO A 195 35.88 22.15 22.10
N LEU A 196 35.28 21.01 21.74
CA LEU A 196 36.05 19.83 21.35
C LEU A 196 36.07 19.61 19.84
N TYR A 197 35.32 20.39 19.07
CA TYR A 197 35.29 20.28 17.62
C TYR A 197 36.04 21.46 17.03
N ARG A 198 36.60 21.28 15.84
CA ARG A 198 37.33 22.33 15.14
C ARG A 198 36.75 22.47 13.74
N TYR A 199 36.19 23.64 13.46
CA TYR A 199 35.46 23.92 12.22
C TYR A 199 36.32 24.86 11.39
N ARG A 200 36.64 24.45 10.16
CA ARG A 200 37.55 25.22 9.32
C ARG A 200 36.82 26.41 8.69
N ARG A 201 37.42 27.59 8.83
CA ARG A 201 36.93 28.79 8.16
C ARG A 201 37.33 28.74 6.69
N HIS A 202 36.34 28.87 5.79
CA HIS A 202 36.62 28.96 4.37
C HIS A 202 35.95 30.19 3.75
N LYS B 11 -19.08 15.50 -2.00
CA LYS B 11 -17.86 15.42 -1.21
C LYS B 11 -16.63 15.56 -2.09
N ALA B 12 -15.66 16.36 -1.65
CA ALA B 12 -14.43 16.54 -2.41
C ALA B 12 -13.54 15.31 -2.26
N PRO B 13 -13.02 14.75 -3.35
CA PRO B 13 -12.12 13.61 -3.23
C PRO B 13 -10.84 14.00 -2.50
N THR B 14 -10.19 12.99 -1.93
CA THR B 14 -8.91 13.19 -1.26
C THR B 14 -7.74 12.96 -2.21
N VAL B 15 -7.83 11.96 -3.08
CA VAL B 15 -6.76 11.63 -4.01
C VAL B 15 -7.23 11.91 -5.43
N SER B 16 -6.38 12.56 -6.24
CA SER B 16 -6.63 12.73 -7.67
C SER B 16 -5.61 11.91 -8.46
N VAL B 17 -6.11 11.02 -9.32
CA VAL B 17 -5.24 10.22 -10.19
C VAL B 17 -5.25 10.85 -11.58
N ILE B 18 -4.06 11.11 -12.13
CA ILE B 18 -3.89 11.80 -13.40
C ILE B 18 -3.31 10.83 -14.43
N VAL B 19 -3.94 10.75 -15.60
CA VAL B 19 -3.50 9.88 -16.70
C VAL B 19 -3.49 10.71 -17.98
N ALA B 20 -2.31 10.89 -18.57
CA ALA B 20 -2.20 11.57 -19.85
C ALA B 20 -2.20 10.53 -20.97
N ALA B 21 -3.16 10.64 -21.89
CA ALA B 21 -3.38 9.61 -22.89
C ALA B 21 -3.26 10.20 -24.29
N PHE B 22 -2.29 9.71 -25.06
CA PHE B 22 -2.18 10.04 -26.48
C PHE B 22 -2.13 8.72 -27.25
N ASN B 23 -3.19 8.44 -28.01
CA ASN B 23 -3.24 7.25 -28.88
C ASN B 23 -2.96 5.97 -28.09
N GLN B 24 -3.71 5.77 -27.02
CA GLN B 24 -3.53 4.63 -26.12
C GLN B 24 -4.69 3.65 -26.20
N GLU B 25 -5.28 3.47 -27.38
CA GLU B 25 -6.49 2.65 -27.48
C GLU B 25 -6.23 1.20 -27.08
N LYS B 26 -4.99 0.74 -27.22
CA LYS B 26 -4.68 -0.66 -26.94
C LYS B 26 -4.69 -0.97 -25.44
N TYR B 27 -4.24 -0.02 -24.60
CA TYR B 27 -4.04 -0.31 -23.18
C TYR B 27 -4.90 0.52 -22.23
N ILE B 28 -5.57 1.55 -22.71
CA ILE B 28 -6.24 2.48 -21.81
C ILE B 28 -7.35 1.79 -21.03
N GLY B 29 -7.95 0.73 -21.59
CA GLY B 29 -9.05 0.08 -20.92
C GLY B 29 -8.59 -0.67 -19.68
N ARG B 30 -7.49 -1.42 -19.81
CA ARG B 30 -6.92 -2.09 -18.64
C ARG B 30 -6.49 -1.08 -17.59
N CYS B 31 -5.92 0.04 -18.00
CA CYS B 31 -5.50 1.08 -17.05
C CYS B 31 -6.67 1.58 -16.23
N ILE B 32 -7.71 2.05 -16.91
CA ILE B 32 -8.87 2.64 -16.23
C ILE B 32 -9.59 1.60 -15.39
N ARG B 33 -9.72 0.37 -15.88
CA ARG B 33 -10.37 -0.67 -15.09
CA ARG B 33 -10.38 -0.66 -15.09
C ARG B 33 -9.63 -0.91 -13.79
N SER B 34 -8.30 -0.91 -13.82
CA SER B 34 -7.53 -1.09 -12.60
C SER B 34 -7.78 0.08 -11.63
N LEU B 35 -7.94 1.29 -12.16
CA LEU B 35 -8.19 2.44 -11.31
C LEU B 35 -9.61 2.44 -10.75
N LEU B 36 -10.57 1.92 -11.52
CA LEU B 36 -11.92 1.80 -10.99
C LEU B 36 -12.05 0.62 -10.02
N ASN B 37 -11.11 -0.31 -10.03
CA ASN B 37 -11.11 -1.48 -9.17
CA ASN B 37 -11.19 -1.45 -9.13
C ASN B 37 -10.42 -1.23 -7.82
N GLN B 38 -10.15 0.02 -7.47
CA GLN B 38 -9.42 0.31 -6.23
C GLN B 38 -10.25 -0.03 -4.99
N ASN B 39 -9.57 -0.60 -3.99
CA ASN B 39 -10.14 -0.81 -2.64
C ASN B 39 -9.97 0.47 -1.84
N PHE B 40 -10.76 1.47 -2.19
CA PHE B 40 -10.66 2.82 -1.66
C PHE B 40 -12.02 3.42 -1.95
N PRO B 41 -12.64 4.14 -1.02
CA PRO B 41 -14.03 4.57 -1.24
C PRO B 41 -14.13 5.46 -2.48
N LYS B 42 -15.17 5.21 -3.28
CA LYS B 42 -15.33 5.92 -4.55
C LYS B 42 -15.40 7.43 -4.34
N GLU B 43 -16.03 7.87 -3.26
CA GLU B 43 -16.14 9.31 -3.01
CA GLU B 43 -16.15 9.31 -2.99
C GLU B 43 -14.82 9.95 -2.59
N ASP B 44 -13.80 9.16 -2.26
CA ASP B 44 -12.54 9.73 -1.78
C ASP B 44 -11.48 9.89 -2.87
N TYR B 45 -11.75 9.50 -4.11
CA TYR B 45 -10.76 9.75 -5.15
C TYR B 45 -11.47 10.04 -6.47
N GLU B 46 -10.72 10.61 -7.40
CA GLU B 46 -11.21 10.91 -8.73
C GLU B 46 -10.15 10.50 -9.73
N ILE B 47 -10.60 10.15 -10.93
CA ILE B 47 -9.71 9.75 -12.02
C ILE B 47 -9.83 10.80 -13.12
N ILE B 48 -8.72 11.42 -13.47
CA ILE B 48 -8.66 12.48 -14.47
C ILE B 48 -7.83 11.98 -15.64
N ILE B 49 -8.48 11.83 -16.80
CA ILE B 49 -7.81 11.41 -18.03
C ILE B 49 -7.70 12.61 -18.94
N ILE B 50 -6.49 12.92 -19.40
CA ILE B 50 -6.28 13.95 -20.41
C ILE B 50 -6.09 13.24 -21.74
N ASN B 51 -7.09 13.35 -22.61
CA ASN B 51 -6.96 12.88 -23.98
C ASN B 51 -6.22 13.96 -24.77
N ASP B 52 -4.94 13.71 -25.01
CA ASP B 52 -4.04 14.73 -25.56
C ASP B 52 -4.05 14.70 -27.08
N GLY B 53 -5.22 14.99 -27.66
CA GLY B 53 -5.35 15.06 -29.09
C GLY B 53 -5.23 13.73 -29.82
N SER B 54 -5.69 12.64 -29.21
CA SER B 54 -5.58 11.33 -29.84
C SER B 54 -6.38 11.29 -31.16
N THR B 55 -5.93 10.44 -32.07
CA THR B 55 -6.63 10.20 -33.32
C THR B 55 -7.07 8.75 -33.50
N ASP B 56 -6.77 7.86 -32.54
CA ASP B 56 -7.27 6.49 -32.62
C ASP B 56 -8.58 6.41 -31.85
N LYS B 57 -8.91 5.26 -31.25
CA LYS B 57 -10.20 5.10 -30.58
C LYS B 57 -10.14 5.49 -29.10
N THR B 58 -9.10 6.21 -28.68
CA THR B 58 -8.98 6.62 -27.28
C THR B 58 -10.19 7.40 -26.80
N LYS B 59 -10.67 8.37 -27.61
CA LYS B 59 -11.82 9.16 -27.19
C LYS B 59 -13.04 8.28 -26.92
N TYR B 60 -13.30 7.31 -27.81
CA TYR B 60 -14.40 6.38 -27.57
C TYR B 60 -14.16 5.52 -26.34
N ALA B 61 -12.92 5.05 -26.15
CA ALA B 61 -12.61 4.25 -24.97
C ALA B 61 -12.96 5.00 -23.69
N LEU B 62 -12.67 6.31 -23.65
CA LEU B 62 -13.01 7.09 -22.46
C LEU B 62 -14.51 7.25 -22.31
N GLU B 63 -15.23 7.40 -23.44
CA GLU B 63 -16.68 7.52 -23.39
C GLU B 63 -17.31 6.27 -22.80
N ILE B 64 -16.67 5.10 -22.99
CA ILE B 64 -17.18 3.85 -22.43
C ILE B 64 -17.43 3.98 -20.93
N PHE B 65 -16.55 4.70 -20.23
CA PHE B 65 -16.63 4.75 -18.77
C PHE B 65 -17.50 5.89 -18.25
N GLY B 66 -18.06 6.72 -19.12
CA GLY B 66 -19.09 7.66 -18.71
C GLY B 66 -18.62 8.58 -17.59
N LYS B 67 -19.45 8.73 -16.56
CA LYS B 67 -19.19 9.66 -15.49
C LYS B 67 -18.30 9.07 -14.39
N GLU B 68 -17.79 7.85 -14.57
CA GLU B 68 -16.88 7.30 -13.57
C GLU B 68 -15.51 7.94 -13.62
N ILE B 69 -15.19 8.60 -14.74
CA ILE B 69 -13.92 9.31 -14.90
C ILE B 69 -14.22 10.74 -15.29
N LYS B 70 -13.23 11.63 -15.10
CA LYS B 70 -13.28 12.98 -15.64
C LYS B 70 -12.31 13.07 -16.82
N VAL B 71 -12.75 13.69 -17.90
CA VAL B 71 -11.98 13.74 -19.14
C VAL B 71 -11.69 15.19 -19.49
N ILE B 72 -10.42 15.47 -19.76
CA ILE B 72 -9.99 16.72 -20.38
C ILE B 72 -9.53 16.37 -21.79
N GLU B 73 -10.16 16.96 -22.79
CA GLU B 73 -9.81 16.67 -24.18
C GLU B 73 -9.11 17.88 -24.79
N ASN B 74 -7.87 17.70 -25.22
CA ASN B 74 -7.19 18.70 -26.03
C ASN B 74 -7.51 18.44 -27.50
N GLU B 75 -7.82 19.52 -28.24
CA GLU B 75 -8.15 19.37 -29.66
C GLU B 75 -6.93 18.91 -30.48
N SER B 76 -5.74 19.36 -30.12
CA SER B 76 -4.51 18.87 -30.72
C SER B 76 -3.53 18.51 -29.61
N ASN B 77 -2.48 17.79 -29.98
CA ASN B 77 -1.54 17.27 -29.00
C ASN B 77 -0.72 18.41 -28.41
N LYS B 78 -0.74 18.53 -27.08
CA LYS B 78 0.06 19.54 -26.39
C LYS B 78 1.29 18.95 -25.71
N GLY B 79 1.38 17.64 -25.57
CA GLY B 79 2.53 17.02 -24.95
C GLY B 79 2.27 16.64 -23.50
N LEU B 80 3.22 15.88 -22.96
CA LEU B 80 3.02 15.25 -21.64
C LEU B 80 2.96 16.30 -20.54
N SER B 81 3.95 17.19 -20.48
CA SER B 81 4.02 18.19 -19.41
C SER B 81 2.76 19.05 -19.37
N ALA B 82 2.38 19.61 -20.52
CA ALA B 82 1.19 20.47 -20.57
C ALA B 82 -0.05 19.70 -20.19
N SER B 83 -0.17 18.45 -20.63
CA SER B 83 -1.37 17.67 -20.33
C SER B 83 -1.43 17.35 -18.83
N LEU B 84 -0.30 16.97 -18.23
CA LEU B 84 -0.28 16.68 -16.80
C LEU B 84 -0.59 17.93 -15.99
N ASN B 85 -0.09 19.08 -16.44
CA ASN B 85 -0.36 20.32 -15.71
C ASN B 85 -1.84 20.69 -15.77
N LEU B 86 -2.49 20.51 -16.93
CA LEU B 86 -3.93 20.66 -17.00
C LEU B 86 -4.62 19.75 -15.99
N GLY B 87 -4.25 18.48 -15.97
CA GLY B 87 -4.84 17.57 -15.00
C GLY B 87 -4.65 18.04 -13.58
N ILE B 88 -3.44 18.47 -13.25
CA ILE B 88 -3.14 18.86 -11.87
C ILE B 88 -3.90 20.13 -11.49
N ARG B 89 -3.93 21.11 -12.39
CA ARG B 89 -4.66 22.34 -12.11
C ARG B 89 -6.16 22.11 -11.95
N SER B 90 -6.70 21.02 -12.50
CA SER B 90 -8.11 20.71 -12.38
C SER B 90 -8.42 19.82 -11.19
N ALA B 91 -7.40 19.31 -10.51
CA ALA B 91 -7.61 18.29 -9.49
C ALA B 91 -8.23 18.88 -8.24
N LEU B 92 -9.11 18.11 -7.60
CA LEU B 92 -9.79 18.52 -6.39
C LEU B 92 -9.20 17.87 -5.14
N GLY B 93 -8.32 16.90 -5.30
CA GLY B 93 -7.77 16.21 -4.15
C GLY B 93 -6.63 16.97 -3.51
N GLN B 94 -6.25 16.49 -2.33
CA GLN B 94 -5.07 16.98 -1.64
C GLN B 94 -3.83 16.17 -1.99
N PHE B 95 -4.01 15.00 -2.61
CA PHE B 95 -2.92 14.13 -3.02
C PHE B 95 -3.05 13.84 -4.51
N ILE B 96 -1.91 13.80 -5.18
CA ILE B 96 -1.83 13.68 -6.63
C ILE B 96 -0.97 12.48 -6.94
N VAL B 97 -1.42 11.63 -7.86
CA VAL B 97 -0.61 10.50 -8.32
C VAL B 97 -0.87 10.27 -9.81
N ARG B 98 0.20 10.07 -10.55
CA ARG B 98 0.14 9.88 -12.00
C ARG B 98 0.22 8.39 -12.29
N VAL B 99 -0.64 7.91 -13.19
CA VAL B 99 -0.55 6.56 -13.75
C VAL B 99 -0.48 6.69 -15.26
N ASP B 100 0.46 6.00 -15.88
CA ASP B 100 0.57 6.06 -17.33
C ASP B 100 -0.52 5.21 -17.97
N ALA B 101 -0.98 5.64 -19.15
CA ALA B 101 -2.15 5.01 -19.76
C ALA B 101 -1.86 3.60 -20.25
N ASP B 102 -0.59 3.22 -20.40
CA ASP B 102 -0.27 1.85 -20.78
C ASP B 102 0.12 0.99 -19.58
N ASP B 103 0.04 1.54 -18.37
CA ASP B 103 0.34 0.82 -17.14
C ASP B 103 -0.98 0.46 -16.44
N TYR B 104 -0.87 -0.21 -15.30
CA TYR B 104 -2.06 -0.43 -14.45
C TYR B 104 -1.56 -0.72 -13.04
N VAL B 105 -2.50 -0.74 -12.08
CA VAL B 105 -2.14 -0.82 -10.67
C VAL B 105 -2.94 -1.91 -9.98
N ASN B 106 -2.36 -2.45 -8.90
CA ASN B 106 -3.04 -3.33 -7.96
C ASN B 106 -4.21 -2.60 -7.28
N SER B 107 -5.21 -3.36 -6.86
CA SER B 107 -6.40 -2.77 -6.22
C SER B 107 -6.10 -2.06 -4.89
N ASP B 108 -4.96 -2.30 -4.25
CA ASP B 108 -4.62 -1.63 -2.99
C ASP B 108 -3.67 -0.46 -3.19
N TYR B 109 -3.40 -0.10 -4.43
CA TYR B 109 -2.40 0.93 -4.75
C TYR B 109 -2.74 2.28 -4.12
N VAL B 110 -3.92 2.82 -4.42
CA VAL B 110 -4.28 4.15 -3.90
C VAL B 110 -4.36 4.13 -2.38
N SER B 111 -5.07 3.15 -1.82
CA SER B 111 -5.28 3.13 -0.37
CA SER B 111 -5.29 3.13 -0.37
C SER B 111 -3.97 3.04 0.38
N ILE B 112 -3.04 2.20 -0.09
CA ILE B 112 -1.81 2.02 0.67
C ILE B 112 -0.91 3.25 0.59
N LEU B 113 -0.73 3.80 -0.62
CA LEU B 113 0.12 5.00 -0.72
C LEU B 113 -0.47 6.14 0.10
N HIS B 114 -1.80 6.34 0.03
CA HIS B 114 -2.41 7.41 0.80
C HIS B 114 -2.26 7.16 2.30
N LYS B 115 -2.40 5.90 2.74
CA LYS B 115 -2.23 5.57 4.15
C LYS B 115 -0.85 5.97 4.65
N PHE B 116 0.19 5.69 3.87
CA PHE B 116 1.53 6.03 4.33
C PHE B 116 1.73 7.54 4.42
N LEU B 117 1.12 8.32 3.53
CA LEU B 117 1.22 9.78 3.65
C LEU B 117 0.35 10.32 4.76
N SER B 118 -0.89 9.84 4.85
CA SER B 118 -1.82 10.36 5.85
CA SER B 118 -1.81 10.38 5.85
C SER B 118 -1.29 10.13 7.26
N TYR B 119 -0.67 8.99 7.51
CA TYR B 119 -0.18 8.69 8.85
C TYR B 119 1.17 9.31 9.15
N ASN B 120 1.91 9.76 8.13
CA ASN B 120 3.29 10.20 8.35
C ASN B 120 3.51 11.57 7.74
N PRO B 121 3.21 12.64 8.49
CA PRO B 121 3.44 13.99 7.97
C PRO B 121 4.88 14.24 7.55
N ASN B 122 5.84 13.49 8.09
CA ASN B 122 7.23 13.70 7.72
C ASN B 122 7.61 13.06 6.38
N PHE B 123 6.78 12.18 5.81
CA PHE B 123 7.01 11.72 4.44
C PHE B 123 6.43 12.75 3.48
N ASP B 124 7.27 13.33 2.61
CA ASP B 124 6.76 14.30 1.66
C ASP B 124 5.97 13.63 0.54
N ALA B 125 6.59 12.68 -0.14
CA ALA B 125 5.94 11.88 -1.16
C ALA B 125 6.30 10.42 -0.92
N VAL B 126 5.50 9.52 -1.51
CA VAL B 126 5.74 8.09 -1.42
C VAL B 126 5.68 7.50 -2.82
N ALA B 127 6.49 6.47 -3.04
CA ALA B 127 6.43 5.64 -4.24
C ALA B 127 6.51 4.18 -3.83
N CYS B 128 5.95 3.30 -4.64
CA CYS B 128 6.07 1.88 -4.31
C CYS B 128 6.88 1.15 -5.40
N ASP B 129 7.25 -0.08 -5.09
CA ASP B 129 7.92 -0.92 -6.07
C ASP B 129 6.95 -1.27 -7.20
N TYR B 130 7.48 -1.85 -8.27
CA TYR B 130 6.60 -2.20 -9.36
C TYR B 130 7.08 -3.48 -10.03
N TYR B 131 6.16 -4.12 -10.74
CA TYR B 131 6.49 -5.18 -11.67
C TYR B 131 6.60 -4.63 -13.08
N LEU B 132 7.62 -5.10 -13.78
CA LEU B 132 7.67 -4.99 -15.24
CA LEU B 132 7.66 -4.97 -15.23
C LEU B 132 6.71 -6.01 -15.82
N VAL B 133 5.77 -5.56 -16.65
CA VAL B 133 4.79 -6.48 -17.23
C VAL B 133 4.81 -6.36 -18.75
N ASP B 134 4.45 -7.46 -19.42
CA ASP B 134 4.36 -7.50 -20.87
C ASP B 134 2.90 -7.24 -21.29
N ASP B 135 2.60 -7.49 -22.57
CA ASP B 135 1.24 -7.23 -23.05
C ASP B 135 0.24 -8.26 -22.55
N HIS B 136 0.70 -9.47 -22.22
CA HIS B 136 -0.15 -10.51 -21.65
C HIS B 136 -0.24 -10.42 -20.14
N GLU B 137 0.19 -9.30 -19.55
CA GLU B 137 0.14 -9.04 -18.10
C GLU B 137 0.95 -10.05 -17.31
N ASP B 138 1.94 -10.70 -17.92
CA ASP B 138 2.88 -11.51 -17.17
C ASP B 138 3.82 -10.59 -16.39
N PHE B 139 4.02 -10.89 -15.10
CA PHE B 139 5.01 -10.18 -14.30
C PHE B 139 6.39 -10.68 -14.69
N LEU B 140 7.21 -9.81 -15.29
CA LEU B 140 8.51 -10.20 -15.80
C LEU B 140 9.60 -10.10 -14.73
N SER B 141 9.55 -9.08 -13.88
CA SER B 141 10.50 -8.91 -12.78
C SER B 141 9.99 -7.80 -11.88
N ARG B 142 10.43 -7.85 -10.63
CA ARG B 142 10.14 -6.80 -9.67
C ARG B 142 11.27 -5.80 -9.63
N LYS B 143 10.92 -4.52 -9.59
CA LYS B 143 11.88 -3.43 -9.58
C LYS B 143 11.74 -2.64 -8.29
N ASN B 144 12.88 -2.29 -7.71
CA ASN B 144 12.96 -1.38 -6.57
C ASN B 144 12.85 0.05 -7.10
N CYS B 145 11.84 0.78 -6.64
CA CYS B 145 11.56 2.09 -7.24
C CYS B 145 12.62 3.15 -6.94
N MET B 146 13.53 2.88 -6.01
CA MET B 146 14.65 3.80 -5.78
C MET B 146 15.90 3.41 -6.57
N ILE B 147 16.04 2.13 -6.92
CA ILE B 147 17.14 1.72 -7.78
C ILE B 147 16.79 1.97 -9.25
N ASP B 148 15.54 1.75 -9.61
CA ASP B 148 15.05 1.91 -10.98
C ASP B 148 13.82 2.80 -10.96
N PRO B 149 14.01 4.10 -10.70
CA PRO B 149 12.86 4.99 -10.56
C PRO B 149 12.16 5.21 -11.90
N ILE B 150 10.85 5.40 -11.83
CA ILE B 150 10.07 5.76 -13.01
C ILE B 150 9.36 7.07 -12.72
N GLY B 151 8.87 7.71 -13.79
CA GLY B 151 8.24 9.00 -13.61
C GLY B 151 6.86 8.92 -13.01
N CYS B 152 6.23 7.76 -13.07
CA CYS B 152 4.85 7.60 -12.66
CA CYS B 152 4.85 7.56 -12.67
C CYS B 152 4.77 6.82 -11.35
N GLY B 153 3.60 6.88 -10.75
CA GLY B 153 3.36 6.11 -9.56
C GLY B 153 3.87 6.72 -8.27
N ILE B 154 4.21 8.01 -8.27
CA ILE B 154 4.62 8.70 -7.06
C ILE B 154 3.44 9.50 -6.55
N MET B 155 3.05 9.29 -5.29
CA MET B 155 1.95 10.06 -4.72
C MET B 155 2.50 11.29 -4.00
N PHE B 156 2.10 12.46 -4.47
CA PHE B 156 2.57 13.74 -3.94
C PHE B 156 1.48 14.41 -3.12
N ARG B 157 1.92 15.28 -2.21
CA ARG B 157 1.06 16.27 -1.61
C ARG B 157 0.97 17.45 -2.57
N ILE B 158 -0.26 17.82 -2.96
CA ILE B 158 -0.44 18.69 -4.12
C ILE B 158 0.24 20.05 -3.90
N GLU B 159 0.20 20.56 -2.66
CA GLU B 159 0.78 21.87 -2.43
C GLU B 159 2.29 21.86 -2.62
N GLN B 160 2.96 20.76 -2.28
CA GLN B 160 4.38 20.67 -2.54
C GLN B 160 4.66 20.61 -4.03
N LEU B 161 3.83 19.87 -4.76
CA LEU B 161 3.98 19.77 -6.20
C LEU B 161 3.81 21.14 -6.87
N ILE B 162 2.85 21.93 -6.39
CA ILE B 162 2.68 23.28 -6.90
C ILE B 162 3.85 24.16 -6.49
N ASP B 163 4.39 23.92 -5.29
CA ASP B 163 5.48 24.75 -4.79
C ASP B 163 6.70 24.69 -5.71
N ILE B 164 7.00 23.51 -6.26
CA ILE B 164 8.19 23.36 -7.10
C ILE B 164 7.92 23.62 -8.57
N GLY B 165 6.67 23.90 -8.95
CA GLY B 165 6.37 24.34 -10.29
C GLY B 165 5.71 23.34 -11.22
N LEU B 166 5.24 22.21 -10.70
CA LEU B 166 4.56 21.20 -11.53
C LEU B 166 5.57 20.70 -12.59
N TYR B 167 5.06 20.30 -13.76
CA TYR B 167 5.90 19.82 -14.85
C TYR B 167 6.39 20.98 -15.69
N ASP B 168 7.63 20.89 -16.15
CA ASP B 168 8.22 21.92 -16.99
C ASP B 168 7.76 21.72 -18.43
N ASP B 169 6.92 22.65 -18.92
CA ASP B 169 6.39 22.56 -20.27
C ASP B 169 7.44 22.83 -21.35
N GLY B 170 8.70 23.03 -20.97
CA GLY B 170 9.78 23.19 -21.93
C GLY B 170 10.47 21.88 -22.25
N PHE B 171 10.44 20.96 -21.28
CA PHE B 171 10.98 19.61 -21.48
C PHE B 171 9.96 18.79 -22.28
N LEU B 172 10.14 18.73 -23.60
CA LEU B 172 9.34 17.82 -24.42
C LEU B 172 9.77 16.36 -24.25
N SER B 173 10.72 16.11 -23.34
CA SER B 173 11.20 14.79 -22.99
C SER B 173 11.92 14.91 -21.66
N HIS B 174 12.13 13.78 -20.99
CA HIS B 174 12.78 13.74 -19.68
C HIS B 174 12.01 14.55 -18.65
N GLU B 175 10.69 14.69 -18.83
CA GLU B 175 9.87 15.44 -17.89
C GLU B 175 9.97 14.85 -16.49
N ASP B 176 10.06 13.53 -16.40
CA ASP B 176 10.04 12.85 -15.12
C ASP B 176 11.29 13.14 -14.31
N LYS B 177 12.46 13.02 -14.94
CA LYS B 177 13.72 13.22 -14.23
C LYS B 177 13.85 14.65 -13.75
N ASP B 178 13.46 15.61 -14.61
CA ASP B 178 13.53 17.02 -14.23
C ASP B 178 12.62 17.34 -13.04
N LEU B 179 11.40 16.79 -13.04
CA LEU B 179 10.52 16.97 -11.89
C LEU B 179 11.12 16.38 -10.62
N ARG B 180 11.72 15.20 -10.73
CA ARG B 180 12.27 14.53 -9.54
C ARG B 180 13.42 15.32 -8.95
N ILE B 181 14.28 15.89 -9.79
CA ILE B 181 15.40 16.69 -9.31
C ILE B 181 14.89 17.95 -8.61
N ARG B 182 13.93 18.64 -9.25
CA ARG B 182 13.38 19.84 -8.66
C ARG B 182 12.65 19.53 -7.36
N PHE B 183 11.94 18.40 -7.32
CA PHE B 183 11.22 18.03 -6.10
C PHE B 183 12.18 17.75 -4.96
N GLU B 184 13.24 16.98 -5.24
CA GLU B 184 14.14 16.56 -4.18
C GLU B 184 15.11 17.65 -3.75
N LYS B 185 15.14 18.80 -4.43
CA LYS B 185 15.93 19.90 -3.91
C LYS B 185 15.39 20.34 -2.54
N LYS B 186 14.10 20.18 -2.32
CA LYS B 186 13.42 20.62 -1.11
C LYS B 186 12.77 19.49 -0.33
N TYR B 187 12.30 18.46 -1.01
CA TYR B 187 11.46 17.41 -0.43
C TYR B 187 12.12 16.05 -0.63
N SER B 188 11.50 15.00 -0.09
CA SER B 188 12.05 13.64 -0.24
CA SER B 188 12.04 13.63 -0.20
C SER B 188 10.94 12.66 -0.57
N ILE B 189 11.35 11.50 -1.09
CA ILE B 189 10.42 10.45 -1.54
C ILE B 189 10.68 9.19 -0.73
N HIS B 190 9.65 8.71 -0.03
CA HIS B 190 9.75 7.51 0.80
C HIS B 190 9.30 6.30 -0.01
N ARG B 191 10.12 5.24 0.00
CA ARG B 191 9.79 4.02 -0.74
C ARG B 191 8.91 3.10 0.11
N VAL B 192 7.78 2.67 -0.46
CA VAL B 192 6.93 1.65 0.17
C VAL B 192 7.26 0.32 -0.50
N GLU B 193 7.72 -0.64 0.30
CA GLU B 193 8.26 -1.90 -0.23
C GLU B 193 7.17 -2.90 -0.62
N LEU B 194 6.20 -2.48 -1.43
CA LEU B 194 5.18 -3.37 -1.98
C LEU B 194 5.08 -3.11 -3.48
N PRO B 195 5.08 -4.15 -4.31
CA PRO B 195 5.04 -3.93 -5.78
C PRO B 195 3.59 -3.82 -6.25
N LEU B 196 3.04 -2.62 -6.08
CA LEU B 196 1.63 -2.37 -6.35
C LEU B 196 1.38 -1.74 -7.72
N TYR B 197 2.44 -1.35 -8.42
CA TYR B 197 2.33 -0.70 -9.72
C TYR B 197 2.77 -1.69 -10.79
N ARG B 198 2.19 -1.59 -11.98
CA ARG B 198 2.56 -2.46 -13.09
C ARG B 198 3.02 -1.58 -14.24
N TYR B 199 4.29 -1.70 -14.60
CA TYR B 199 4.93 -0.87 -15.62
C TYR B 199 5.06 -1.68 -16.91
N ARG B 200 4.40 -1.23 -17.97
CA ARG B 200 4.39 -1.98 -19.21
C ARG B 200 5.74 -1.84 -19.92
N ARG B 201 6.31 -2.98 -20.32
CA ARG B 201 7.60 -2.98 -21.01
C ARG B 201 7.46 -2.43 -22.42
N LYS C 11 -13.87 -22.06 -9.70
CA LYS C 11 -15.23 -22.36 -9.24
C LYS C 11 -16.25 -22.01 -10.32
N ALA C 12 -17.29 -22.84 -10.42
CA ALA C 12 -18.35 -22.57 -11.37
C ALA C 12 -19.22 -21.42 -10.86
N PRO C 13 -19.59 -20.48 -11.71
CA PRO C 13 -20.53 -19.44 -11.29
C PRO C 13 -21.93 -20.01 -11.09
N THR C 14 -22.71 -19.32 -10.27
CA THR C 14 -24.11 -19.69 -10.04
CA THR C 14 -24.10 -19.71 -10.08
C THR C 14 -25.06 -18.97 -10.99
N VAL C 15 -24.75 -17.72 -11.36
CA VAL C 15 -25.60 -16.91 -12.22
C VAL C 15 -24.85 -16.60 -13.50
N SER C 16 -25.52 -16.79 -14.64
CA SER C 16 -24.98 -16.39 -15.95
C SER C 16 -25.85 -15.28 -16.51
N VAL C 17 -25.23 -14.13 -16.78
CA VAL C 17 -25.91 -13.01 -17.42
C VAL C 17 -25.60 -13.04 -18.91
N ILE C 18 -26.64 -12.97 -19.73
CA ILE C 18 -26.53 -13.06 -21.19
C ILE C 18 -26.89 -11.71 -21.80
N VAL C 19 -26.01 -11.19 -22.66
CA VAL C 19 -26.24 -9.94 -23.39
C VAL C 19 -25.98 -10.19 -24.87
N ALA C 20 -27.01 -10.04 -25.70
CA ALA C 20 -26.85 -10.12 -27.14
C ALA C 20 -26.67 -8.71 -27.70
N ALA C 21 -25.59 -8.48 -28.44
CA ALA C 21 -25.22 -7.14 -28.88
C ALA C 21 -24.97 -7.10 -30.38
N PHE C 22 -25.72 -6.24 -31.07
CA PHE C 22 -25.50 -5.97 -32.49
C PHE C 22 -25.47 -4.45 -32.69
N ASN C 23 -24.29 -3.93 -33.03
CA ASN C 23 -24.09 -2.50 -33.26
C ASN C 23 -24.57 -1.64 -32.09
N GLN C 24 -24.10 -1.99 -30.90
CA GLN C 24 -24.49 -1.29 -29.67
C GLN C 24 -23.35 -0.45 -29.09
N GLU C 25 -22.52 0.14 -29.96
CA GLU C 25 -21.37 0.89 -29.46
C GLU C 25 -21.78 2.03 -28.55
N LYS C 26 -22.98 2.60 -28.74
CA LYS C 26 -23.37 3.77 -27.97
C LYS C 26 -23.65 3.43 -26.50
N TYR C 27 -24.25 2.27 -26.24
CA TYR C 27 -24.76 1.94 -24.91
C TYR C 27 -24.12 0.75 -24.23
N ILE C 28 -23.36 -0.08 -24.96
CA ILE C 28 -22.85 -1.31 -24.38
C ILE C 28 -21.93 -1.04 -23.19
N GLY C 29 -21.24 0.09 -23.19
CA GLY C 29 -20.35 0.41 -22.08
C GLY C 29 -21.10 0.58 -20.77
N ARG C 30 -22.18 1.37 -20.79
CA ARG C 30 -22.98 1.54 -19.58
C ARG C 30 -23.55 0.22 -19.09
N CYS C 31 -24.01 -0.61 -20.02
CA CYS C 31 -24.57 -1.91 -19.67
C CYS C 31 -23.56 -2.77 -18.93
N ILE C 32 -22.38 -2.98 -19.53
CA ILE C 32 -21.38 -3.86 -18.94
C ILE C 32 -20.87 -3.32 -17.62
N ARG C 33 -20.65 -1.99 -17.55
CA ARG C 33 -20.21 -1.41 -16.29
CA ARG C 33 -20.20 -1.42 -16.28
C ARG C 33 -21.20 -1.68 -15.17
N SER C 34 -22.50 -1.55 -15.46
CA SER C 34 -23.50 -1.86 -14.42
C SER C 34 -23.43 -3.31 -14.00
N LEU C 35 -23.11 -4.21 -14.95
CA LEU C 35 -23.00 -5.63 -14.62
C LEU C 35 -21.71 -5.94 -13.87
N LEU C 36 -20.63 -5.21 -14.17
CA LEU C 36 -19.40 -5.41 -13.41
C LEU C 36 -19.46 -4.75 -12.03
N ASN C 37 -20.41 -3.87 -11.78
CA ASN C 37 -20.49 -3.22 -10.47
CA ASN C 37 -20.56 -3.17 -10.50
C ASN C 37 -21.60 -3.83 -9.59
N GLN C 38 -21.88 -5.11 -9.79
CA GLN C 38 -22.85 -5.83 -8.97
C GLN C 38 -22.31 -6.09 -7.57
N ASN C 39 -23.18 -5.92 -6.57
CA ASN C 39 -22.90 -6.35 -5.19
C ASN C 39 -23.24 -7.83 -5.07
N PHE C 40 -22.36 -8.64 -5.64
CA PHE C 40 -22.51 -10.09 -5.77
C PHE C 40 -21.11 -10.60 -6.03
N PRO C 41 -20.65 -11.66 -5.34
CA PRO C 41 -19.24 -12.06 -5.48
C PRO C 41 -18.88 -12.36 -6.92
N LYS C 42 -17.71 -11.86 -7.35
CA LYS C 42 -17.29 -12.02 -8.75
C LYS C 42 -17.22 -13.50 -9.15
N GLU C 43 -16.85 -14.38 -8.22
CA GLU C 43 -16.72 -15.78 -8.59
C GLU C 43 -18.07 -16.46 -8.75
N ASP C 44 -19.17 -15.81 -8.36
CA ASP C 44 -20.48 -16.44 -8.42
C ASP C 44 -21.31 -16.05 -9.65
N TYR C 45 -20.76 -15.24 -10.55
CA TYR C 45 -21.52 -14.93 -11.76
C TYR C 45 -20.57 -14.69 -12.92
N GLU C 46 -21.10 -14.83 -14.13
CA GLU C 46 -20.33 -14.59 -15.33
C GLU C 46 -21.18 -13.71 -16.25
N ILE C 47 -20.51 -12.94 -17.08
CA ILE C 47 -21.16 -12.04 -18.03
C ILE C 47 -20.80 -12.54 -19.42
N ILE C 48 -21.80 -12.97 -20.17
CA ILE C 48 -21.62 -13.53 -21.49
C ILE C 48 -22.19 -12.54 -22.50
N ILE C 49 -21.33 -11.98 -23.34
CA ILE C 49 -21.75 -11.05 -24.39
C ILE C 49 -21.61 -11.76 -25.73
N ILE C 50 -22.68 -11.77 -26.51
CA ILE C 50 -22.66 -12.30 -27.87
C ILE C 50 -22.57 -11.10 -28.80
N ASN C 51 -21.44 -10.95 -29.49
CA ASN C 51 -21.27 -9.91 -30.50
C ASN C 51 -21.84 -10.46 -31.80
N ASP C 52 -23.09 -10.11 -32.10
CA ASP C 52 -23.82 -10.72 -33.21
C ASP C 52 -23.50 -10.05 -34.54
N GLY C 53 -22.23 -10.14 -34.92
CA GLY C 53 -21.79 -9.64 -36.22
C GLY C 53 -21.77 -8.13 -36.37
N SER C 54 -21.44 -7.40 -35.30
CA SER C 54 -21.46 -5.94 -35.37
C SER C 54 -20.43 -5.45 -36.36
N THR C 55 -20.73 -4.29 -36.96
CA THR C 55 -19.82 -3.56 -37.83
C THR C 55 -19.31 -2.26 -37.23
N ASP C 56 -19.82 -1.84 -36.07
CA ASP C 56 -19.36 -0.61 -35.44
C ASP C 56 -18.25 -0.95 -34.43
N LYS C 57 -18.07 -0.09 -33.43
CA LYS C 57 -16.98 -0.27 -32.47
C LYS C 57 -17.35 -1.21 -31.32
N THR C 58 -18.40 -2.02 -31.47
CA THR C 58 -18.82 -2.94 -30.41
C THR C 58 -17.71 -3.92 -30.04
N LYS C 59 -17.05 -4.50 -31.05
CA LYS C 59 -15.96 -5.44 -30.80
C LYS C 59 -14.87 -4.81 -29.93
N TYR C 60 -14.48 -3.58 -30.27
CA TYR C 60 -13.49 -2.86 -29.45
C TYR C 60 -14.00 -2.59 -28.05
N ALA C 61 -15.29 -2.21 -27.92
CA ALA C 61 -15.84 -1.97 -26.58
C ALA C 61 -15.73 -3.20 -25.70
N LEU C 62 -15.99 -4.38 -26.26
CA LEU C 62 -15.86 -5.62 -25.49
C LEU C 62 -14.39 -5.91 -25.15
N GLU C 63 -13.47 -5.58 -26.04
CA GLU C 63 -12.05 -5.76 -25.75
C GLU C 63 -11.60 -4.89 -24.57
N ILE C 64 -12.20 -3.70 -24.43
CA ILE C 64 -11.87 -2.79 -23.32
C ILE C 64 -11.95 -3.53 -21.98
N PHE C 65 -12.90 -4.46 -21.85
CA PHE C 65 -13.14 -5.12 -20.57
C PHE C 65 -12.37 -6.42 -20.39
N GLY C 66 -11.60 -6.85 -21.38
CA GLY C 66 -10.65 -7.93 -21.19
C GLY C 66 -11.33 -9.20 -20.69
N LYS C 67 -10.71 -9.82 -19.67
CA LYS C 67 -11.19 -11.09 -19.17
C LYS C 67 -12.31 -10.97 -18.14
N GLU C 68 -12.79 -9.75 -17.84
CA GLU C 68 -13.91 -9.62 -16.92
C GLU C 68 -15.22 -10.10 -17.53
N ILE C 69 -15.28 -10.27 -18.85
CA ILE C 69 -16.46 -10.76 -19.55
C ILE C 69 -16.03 -11.90 -20.46
N LYS C 70 -17.00 -12.74 -20.83
CA LYS C 70 -16.81 -13.75 -21.86
C LYS C 70 -17.49 -13.28 -23.14
N VAL C 71 -16.81 -13.39 -24.26
CA VAL C 71 -17.32 -12.90 -25.53
C VAL C 71 -17.47 -14.06 -26.51
N ILE C 72 -18.65 -14.15 -27.12
CA ILE C 72 -18.91 -15.03 -28.26
C ILE C 72 -19.11 -14.12 -29.46
N GLU C 73 -18.30 -14.30 -30.51
CA GLU C 73 -18.33 -13.43 -31.67
C GLU C 73 -18.86 -14.21 -32.87
N ASN C 74 -19.99 -13.77 -33.41
CA ASN C 74 -20.52 -14.31 -34.65
C ASN C 74 -19.88 -13.58 -35.82
N GLU C 75 -19.40 -14.34 -36.80
CA GLU C 75 -18.79 -13.73 -37.98
C GLU C 75 -19.80 -12.84 -38.71
N SER C 76 -21.05 -13.28 -38.81
CA SER C 76 -22.12 -12.51 -39.42
C SER C 76 -23.33 -12.53 -38.51
N ASN C 77 -24.30 -11.68 -38.80
CA ASN C 77 -25.44 -11.50 -37.91
C ASN C 77 -26.38 -12.69 -37.97
N LYS C 78 -26.68 -13.28 -36.81
CA LYS C 78 -27.53 -14.46 -36.71
C LYS C 78 -28.91 -14.16 -36.16
N GLY C 79 -29.11 -13.01 -35.54
CA GLY C 79 -30.40 -12.68 -34.94
C GLY C 79 -30.38 -12.88 -33.44
N LEU C 80 -31.42 -12.35 -32.81
CA LEU C 80 -31.51 -12.32 -31.36
C LEU C 80 -31.67 -13.73 -30.77
N SER C 81 -32.64 -14.49 -31.28
CA SER C 81 -32.91 -15.81 -30.72
CA SER C 81 -32.91 -15.81 -30.73
C SER C 81 -31.68 -16.70 -30.80
N ALA C 82 -31.07 -16.80 -31.98
CA ALA C 82 -29.90 -17.65 -32.14
C ALA C 82 -28.75 -17.19 -31.24
N SER C 83 -28.58 -15.87 -31.11
CA SER C 83 -27.48 -15.35 -30.30
C SER C 83 -27.69 -15.68 -28.83
N LEU C 84 -28.90 -15.49 -28.34
CA LEU C 84 -29.21 -15.83 -26.95
C LEU C 84 -29.04 -17.31 -26.70
N ASN C 85 -29.46 -18.15 -27.65
CA ASN C 85 -29.32 -19.59 -27.47
C ASN C 85 -27.85 -20.00 -27.41
N LEU C 86 -26.99 -19.33 -28.18
CA LEU C 86 -25.57 -19.59 -28.06
C LEU C 86 -25.07 -19.27 -26.65
N GLY C 87 -25.46 -18.12 -26.12
CA GLY C 87 -25.05 -17.77 -24.77
C GLY C 87 -25.55 -18.75 -23.73
N ILE C 88 -26.82 -19.15 -23.83
CA ILE C 88 -27.40 -20.07 -22.86
C ILE C 88 -26.69 -21.42 -22.91
N ARG C 89 -26.44 -21.94 -24.12
CA ARG C 89 -25.77 -23.24 -24.23
C ARG C 89 -24.34 -23.17 -23.72
N SER C 90 -23.72 -22.01 -23.74
CA SER C 90 -22.37 -21.84 -23.22
C SER C 90 -22.35 -21.55 -21.72
N ALA C 91 -23.50 -21.29 -21.12
CA ALA C 91 -23.53 -20.78 -19.76
C ALA C 91 -23.17 -21.86 -18.75
N LEU C 92 -22.47 -21.45 -17.69
CA LEU C 92 -22.03 -22.35 -16.64
C LEU C 92 -22.88 -22.27 -15.40
N GLY C 93 -23.69 -21.24 -15.28
CA GLY C 93 -24.48 -21.05 -14.08
C GLY C 93 -25.75 -21.86 -14.06
N GLN C 94 -26.32 -21.97 -12.87
CA GLN C 94 -27.61 -22.63 -12.68
CA GLN C 94 -27.61 -22.63 -12.70
C GLN C 94 -28.78 -21.67 -12.90
N PHE C 95 -28.52 -20.37 -12.93
CA PHE C 95 -29.51 -19.34 -13.14
C PHE C 95 -29.09 -18.47 -14.32
N ILE C 96 -30.08 -18.04 -15.09
CA ILE C 96 -29.89 -17.38 -16.37
C ILE C 96 -30.73 -16.11 -16.36
N VAL C 97 -30.10 -14.98 -16.67
CA VAL C 97 -30.83 -13.73 -16.77
C VAL C 97 -30.30 -12.95 -17.97
N ARG C 98 -31.20 -12.45 -18.80
CA ARG C 98 -30.86 -11.69 -19.98
C ARG C 98 -30.96 -10.19 -19.67
N VAL C 99 -29.94 -9.43 -20.07
CA VAL C 99 -29.97 -7.97 -20.00
C VAL C 99 -29.71 -7.44 -21.41
N ASP C 100 -30.54 -6.49 -21.86
CA ASP C 100 -30.35 -5.90 -23.19
C ASP C 100 -29.15 -4.96 -23.19
N ALA C 101 -28.47 -4.89 -24.34
CA ALA C 101 -27.22 -4.14 -24.41
C ALA C 101 -27.42 -2.64 -24.26
N ASP C 102 -28.62 -2.13 -24.54
CA ASP C 102 -28.92 -0.71 -24.37
C ASP C 102 -29.56 -0.40 -23.01
N ASP C 103 -29.67 -1.40 -22.13
CA ASP C 103 -30.21 -1.26 -20.79
C ASP C 103 -29.08 -1.30 -19.75
N TYR C 104 -29.44 -1.20 -18.47
CA TYR C 104 -28.48 -1.45 -17.40
C TYR C 104 -29.26 -1.70 -16.11
N VAL C 105 -28.53 -2.09 -15.07
CA VAL C 105 -29.18 -2.58 -13.84
C VAL C 105 -28.53 -1.93 -12.62
N ASN C 106 -29.33 -1.85 -11.56
CA ASN C 106 -28.87 -1.46 -10.23
C ASN C 106 -27.85 -2.48 -9.70
N SER C 107 -26.99 -2.02 -8.79
CA SER C 107 -25.92 -2.87 -8.28
C SER C 107 -26.42 -4.05 -7.44
N ASP C 108 -27.65 -4.02 -6.94
CA ASP C 108 -28.22 -5.14 -6.19
C ASP C 108 -29.07 -6.07 -7.05
N TYR C 109 -29.07 -5.87 -8.36
CA TYR C 109 -29.99 -6.59 -9.25
C TYR C 109 -29.77 -8.10 -9.20
N VAL C 110 -28.55 -8.55 -9.48
CA VAL C 110 -28.25 -9.97 -9.54
C VAL C 110 -28.46 -10.61 -8.17
N SER C 111 -27.93 -9.98 -7.12
CA SER C 111 -27.99 -10.57 -5.78
CA SER C 111 -28.00 -10.59 -5.79
C SER C 111 -29.44 -10.75 -5.32
N ILE C 112 -30.28 -9.74 -5.51
CA ILE C 112 -31.64 -9.82 -4.98
CA ILE C 112 -31.64 -9.80 -4.99
C ILE C 112 -32.44 -10.86 -5.74
N LEU C 113 -32.38 -10.84 -7.07
CA LEU C 113 -33.12 -11.84 -7.85
C LEU C 113 -32.66 -13.25 -7.50
N HIS C 114 -31.35 -13.46 -7.40
CA HIS C 114 -30.86 -14.80 -7.05
C HIS C 114 -31.31 -15.20 -5.65
N LYS C 115 -31.30 -14.26 -4.71
CA LYS C 115 -31.77 -14.54 -3.36
C LYS C 115 -33.22 -15.03 -3.35
N PHE C 116 -34.11 -14.38 -4.11
CA PHE C 116 -35.50 -14.81 -4.12
C PHE C 116 -35.65 -16.23 -4.69
N LEU C 117 -34.85 -16.58 -5.69
CA LEU C 117 -34.94 -17.92 -6.24
C LEU C 117 -34.29 -18.95 -5.34
N SER C 118 -33.13 -18.61 -4.79
CA SER C 118 -32.41 -19.60 -3.99
CA SER C 118 -32.39 -19.58 -3.98
C SER C 118 -33.19 -19.97 -2.74
N TYR C 119 -33.86 -19.01 -2.12
CA TYR C 119 -34.58 -19.27 -0.89
C TYR C 119 -35.97 -19.85 -1.12
N ASN C 120 -36.50 -19.77 -2.34
CA ASN C 120 -37.89 -20.14 -2.62
C ASN C 120 -37.94 -21.09 -3.79
N PRO C 121 -37.71 -22.39 -3.56
CA PRO C 121 -37.82 -23.37 -4.65
C PRO C 121 -39.17 -23.34 -5.35
N ASN C 122 -40.22 -22.84 -4.71
CA ASN C 122 -41.52 -22.82 -5.37
C ASN C 122 -41.66 -21.67 -6.37
N PHE C 123 -40.77 -20.68 -6.35
CA PHE C 123 -40.76 -19.67 -7.41
C PHE C 123 -39.99 -20.22 -8.61
N ASP C 124 -40.65 -20.36 -9.76
CA ASP C 124 -39.97 -20.86 -10.95
C ASP C 124 -38.98 -19.85 -11.49
N ALA C 125 -39.45 -18.65 -11.78
CA ALA C 125 -38.61 -17.56 -12.25
C ALA C 125 -39.01 -16.30 -11.49
N VAL C 126 -38.13 -15.30 -11.50
CA VAL C 126 -38.40 -14.02 -10.84
C VAL C 126 -38.12 -12.89 -11.83
N ALA C 127 -38.86 -11.80 -11.69
CA ALA C 127 -38.60 -10.59 -12.43
C ALA C 127 -38.84 -9.44 -11.47
N CYS C 128 -38.17 -8.30 -11.69
CA CYS C 128 -38.36 -7.15 -10.83
C CYS C 128 -38.93 -6.00 -11.64
N ASP C 129 -39.43 -4.99 -10.93
CA ASP C 129 -39.88 -3.77 -11.58
C ASP C 129 -38.70 -3.05 -12.24
N TYR C 130 -39.01 -2.05 -13.04
CA TYR C 130 -37.94 -1.34 -13.74
C TYR C 130 -38.32 0.12 -13.91
N TYR C 131 -37.30 0.94 -14.17
CA TYR C 131 -37.49 2.33 -14.56
C TYR C 131 -37.31 2.46 -16.06
N LEU C 132 -38.19 3.24 -16.68
CA LEU C 132 -37.93 3.73 -18.02
CA LEU C 132 -37.93 3.73 -18.02
C LEU C 132 -36.89 4.84 -17.93
N VAL C 133 -35.83 4.74 -18.73
CA VAL C 133 -34.76 5.73 -18.69
C VAL C 133 -34.48 6.25 -20.10
N ASP C 134 -33.97 7.48 -20.18
CA ASP C 134 -33.58 8.06 -21.46
C ASP C 134 -32.07 7.92 -21.64
N ASP C 135 -31.47 8.75 -22.50
CA ASP C 135 -30.03 8.65 -22.74
C ASP C 135 -29.22 9.31 -21.63
N HIS C 136 -29.76 10.33 -20.97
CA HIS C 136 -29.09 10.95 -19.84
C HIS C 136 -29.32 10.18 -18.53
N GLU C 137 -29.83 8.94 -18.62
CA GLU C 137 -30.03 8.09 -17.44
C GLU C 137 -31.05 8.69 -16.47
N ASP C 138 -31.94 9.54 -16.96
CA ASP C 138 -33.03 10.07 -16.13
C ASP C 138 -34.11 9.01 -15.97
N PHE C 139 -34.58 8.82 -14.73
CA PHE C 139 -35.68 7.89 -14.47
C PHE C 139 -36.99 8.57 -14.85
N LEU C 140 -37.59 8.11 -15.95
CA LEU C 140 -38.81 8.75 -16.46
C LEU C 140 -40.06 8.28 -15.70
N SER C 141 -40.17 6.98 -15.45
CA SER C 141 -41.30 6.44 -14.73
C SER C 141 -40.93 5.04 -14.25
N ARG C 142 -41.62 4.59 -13.20
CA ARG C 142 -41.46 3.24 -12.71
C ARG C 142 -42.53 2.34 -13.30
N LYS C 143 -42.14 1.14 -13.72
CA LYS C 143 -43.08 0.21 -14.32
C LYS C 143 -43.18 -1.05 -13.48
N ASN C 144 -44.42 -1.52 -13.30
CA ASN C 144 -44.71 -2.82 -12.70
C ASN C 144 -44.50 -3.89 -13.77
N CYS C 145 -43.61 -4.85 -13.49
CA CYS C 145 -43.18 -5.80 -14.52
C CYS C 145 -44.26 -6.80 -14.89
N MET C 146 -45.35 -6.88 -14.13
CA MET C 146 -46.45 -7.75 -14.52
C MET C 146 -47.55 -7.01 -15.27
N ILE C 147 -47.64 -5.69 -15.09
CA ILE C 147 -48.56 -4.88 -15.88
C ILE C 147 -47.92 -4.54 -17.22
N ASP C 148 -46.62 -4.28 -17.23
CA ASP C 148 -45.89 -3.89 -18.44
C ASP C 148 -44.67 -4.79 -18.58
N PRO C 149 -44.87 -6.07 -18.92
CA PRO C 149 -43.74 -6.99 -18.98
C PRO C 149 -42.81 -6.65 -20.13
N ILE C 150 -41.52 -6.91 -19.92
CA ILE C 150 -40.51 -6.77 -20.95
C ILE C 150 -39.82 -8.12 -21.15
N GLY C 151 -39.09 -8.24 -22.25
CA GLY C 151 -38.49 -9.53 -22.57
C GLY C 151 -37.25 -9.86 -21.78
N CYS C 152 -36.64 -8.86 -21.16
CA CYS C 152 -35.38 -8.99 -20.45
CA CYS C 152 -35.38 -9.02 -20.46
C CYS C 152 -35.58 -8.84 -18.97
N GLY C 153 -34.56 -9.20 -18.22
CA GLY C 153 -34.60 -8.99 -16.79
C GLY C 153 -35.25 -10.10 -16.00
N ILE C 154 -35.64 -11.19 -16.63
CA ILE C 154 -36.27 -12.31 -15.93
C ILE C 154 -35.16 -13.29 -15.60
N MET C 155 -35.02 -13.65 -14.33
CA MET C 155 -34.04 -14.64 -13.94
C MET C 155 -34.69 -16.02 -13.93
N PHE C 156 -34.15 -16.93 -14.73
CA PHE C 156 -34.68 -18.28 -14.89
C PHE C 156 -33.78 -19.32 -14.23
N ARG C 157 -34.39 -20.45 -13.90
CA ARG C 157 -33.66 -21.66 -13.59
C ARG C 157 -33.33 -22.35 -14.90
N ILE C 158 -32.04 -22.63 -15.14
CA ILE C 158 -31.62 -22.98 -16.49
C ILE C 158 -32.27 -24.28 -16.96
N GLU C 159 -32.50 -25.23 -16.04
CA GLU C 159 -33.11 -26.49 -16.48
C GLU C 159 -34.55 -26.30 -16.91
N GLN C 160 -35.29 -25.34 -16.31
CA GLN C 160 -36.65 -25.08 -16.79
C GLN C 160 -36.62 -24.38 -18.13
N LEU C 161 -35.66 -23.48 -18.32
CA LEU C 161 -35.52 -22.79 -19.61
C LEU C 161 -35.18 -23.78 -20.71
N ILE C 162 -34.32 -24.76 -20.41
CA ILE C 162 -34.02 -25.81 -21.39
C ILE C 162 -35.23 -26.71 -21.60
N ASP C 163 -36.01 -26.94 -20.54
CA ASP C 163 -37.16 -27.84 -20.65
C ASP C 163 -38.17 -27.32 -21.66
N ILE C 164 -38.33 -26.00 -21.76
CA ILE C 164 -39.34 -25.45 -22.67
C ILE C 164 -38.77 -25.09 -24.03
N GLY C 165 -37.45 -25.19 -24.23
CA GLY C 165 -36.85 -25.10 -25.55
C GLY C 165 -36.08 -23.84 -25.86
N LEU C 166 -35.74 -23.02 -24.88
CA LEU C 166 -34.94 -21.80 -25.10
C LEU C 166 -35.73 -20.83 -25.97
N TYR C 167 -35.03 -20.02 -26.76
CA TYR C 167 -35.67 -19.08 -27.67
C TYR C 167 -35.92 -19.74 -29.03
N ASP C 168 -37.01 -19.34 -29.66
CA ASP C 168 -37.45 -19.94 -30.91
C ASP C 168 -36.79 -19.19 -32.06
N ASP C 169 -35.90 -19.86 -32.78
CA ASP C 169 -35.12 -19.22 -33.84
C ASP C 169 -35.99 -18.78 -35.02
N GLY C 170 -37.27 -19.12 -35.03
CA GLY C 170 -38.16 -18.69 -36.09
C GLY C 170 -39.11 -17.59 -35.65
N SER C 173 -38.89 -11.56 -34.77
CA SER C 173 -39.55 -10.66 -33.84
C SER C 173 -40.46 -11.41 -32.86
N HIS C 174 -40.90 -10.72 -31.81
CA HIS C 174 -41.81 -11.25 -30.79
C HIS C 174 -41.25 -12.46 -30.06
N GLU C 175 -39.91 -12.60 -30.03
CA GLU C 175 -39.29 -13.73 -29.35
C GLU C 175 -39.59 -13.72 -27.86
N ASP C 176 -39.75 -12.53 -27.28
CA ASP C 176 -39.96 -12.40 -25.84
C ASP C 176 -41.37 -12.85 -25.45
N LYS C 177 -42.39 -12.37 -26.17
CA LYS C 177 -43.76 -12.79 -25.88
C LYS C 177 -43.92 -14.29 -26.06
N ASP C 178 -43.29 -14.85 -27.10
CA ASP C 178 -43.39 -16.28 -27.35
C ASP C 178 -42.73 -17.09 -26.24
N LEU C 179 -41.53 -16.69 -25.82
CA LEU C 179 -40.87 -17.40 -24.72
C LEU C 179 -41.73 -17.33 -23.45
N ARG C 180 -42.33 -16.16 -23.18
CA ARG C 180 -43.13 -16.00 -21.97
C ARG C 180 -44.34 -16.92 -21.98
N ILE C 181 -45.02 -17.03 -23.13
CA ILE C 181 -46.19 -17.88 -23.21
C ILE C 181 -45.80 -19.35 -23.06
N ARG C 182 -44.76 -19.78 -23.78
CA ARG C 182 -44.27 -21.15 -23.64
C ARG C 182 -43.86 -21.45 -22.20
N PHE C 183 -43.20 -20.49 -21.55
CA PHE C 183 -42.73 -20.72 -20.20
C PHE C 183 -43.89 -20.87 -19.23
N GLU C 184 -44.88 -19.99 -19.33
CA GLU C 184 -46.01 -19.98 -18.41
C GLU C 184 -47.05 -21.05 -18.70
N LYS C 185 -46.94 -21.77 -19.82
CA LYS C 185 -47.77 -22.96 -19.98
C LYS C 185 -47.49 -23.98 -18.89
N LYS C 186 -46.25 -23.98 -18.36
CA LYS C 186 -45.83 -24.94 -17.35
C LYS C 186 -45.37 -24.30 -16.04
N TYR C 187 -44.74 -23.15 -16.08
CA TYR C 187 -44.11 -22.52 -14.92
C TYR C 187 -44.74 -21.16 -14.68
N SER C 188 -44.25 -20.45 -13.65
CA SER C 188 -44.81 -19.15 -13.27
CA SER C 188 -44.80 -19.15 -13.33
C SER C 188 -43.68 -18.18 -12.98
N ILE C 189 -43.99 -16.89 -13.07
CA ILE C 189 -43.01 -15.83 -12.82
C ILE C 189 -43.45 -15.05 -11.60
N HIS C 190 -42.55 -14.93 -10.62
CA HIS C 190 -42.83 -14.19 -9.39
C HIS C 190 -42.28 -12.77 -9.52
N ARG C 191 -43.10 -11.79 -9.15
CA ARG C 191 -42.68 -10.39 -9.22
C ARG C 191 -42.00 -9.96 -7.92
N VAL C 192 -40.80 -9.39 -8.04
CA VAL C 192 -40.08 -8.78 -6.91
C VAL C 192 -40.30 -7.28 -6.98
N GLU C 193 -40.89 -6.71 -5.93
CA GLU C 193 -41.35 -5.32 -6.00
C GLU C 193 -40.24 -4.29 -5.75
N LEU C 194 -39.14 -4.40 -6.49
CA LEU C 194 -38.05 -3.44 -6.41
C LEU C 194 -37.69 -3.01 -7.83
N PRO C 195 -37.56 -1.72 -8.12
CA PRO C 195 -37.22 -1.30 -9.50
C PRO C 195 -35.71 -1.30 -9.70
N LEU C 196 -35.17 -2.49 -9.98
CA LEU C 196 -33.73 -2.68 -10.06
C LEU C 196 -33.20 -2.74 -11.48
N TYR C 197 -34.08 -2.75 -12.49
CA TYR C 197 -33.71 -2.83 -13.89
C TYR C 197 -33.98 -1.47 -14.52
N ARG C 198 -33.19 -1.09 -15.53
CA ARG C 198 -33.37 0.18 -16.23
C ARG C 198 -33.55 -0.14 -17.70
N TYR C 199 -34.72 0.15 -18.22
CA TYR C 199 -35.09 -0.13 -19.59
C TYR C 199 -35.00 1.17 -20.40
N ARG C 200 -34.14 1.17 -21.42
CA ARG C 200 -33.89 2.38 -22.19
C ARG C 200 -35.07 2.63 -23.11
N ARG C 201 -35.59 3.86 -23.06
CA ARG C 201 -36.70 4.25 -23.93
C ARG C 201 -36.19 4.50 -25.33
N HIS C 202 -36.78 3.82 -26.31
CA HIS C 202 -36.39 3.99 -27.71
C HIS C 202 -37.61 4.18 -28.60
N LYS D 10 -12.09 -27.86 4.49
CA LYS D 10 -12.07 -26.43 4.83
C LYS D 10 -10.66 -25.84 4.72
N LYS D 11 -10.59 -24.61 4.20
CA LYS D 11 -9.32 -23.94 3.94
C LYS D 11 -8.58 -23.60 5.24
N ALA D 12 -7.28 -23.88 5.26
CA ALA D 12 -6.48 -23.49 6.41
C ALA D 12 -6.24 -21.98 6.39
N PRO D 13 -6.34 -21.31 7.53
CA PRO D 13 -5.98 -19.90 7.58
C PRO D 13 -4.48 -19.73 7.39
N THR D 14 -4.09 -18.56 6.90
CA THR D 14 -2.69 -18.20 6.72
CA THR D 14 -2.67 -18.27 6.76
C THR D 14 -2.10 -17.57 7.98
N VAL D 15 -2.91 -16.79 8.71
CA VAL D 15 -2.48 -16.05 9.89
C VAL D 15 -3.19 -16.61 11.12
N SER D 16 -2.43 -16.85 12.19
CA SER D 16 -2.99 -17.24 13.48
C SER D 16 -2.67 -16.17 14.50
N VAL D 17 -3.71 -15.61 15.13
CA VAL D 17 -3.54 -14.60 16.18
C VAL D 17 -3.70 -15.29 17.53
N ILE D 18 -2.74 -15.08 18.43
CA ILE D 18 -2.69 -15.76 19.72
C ILE D 18 -2.93 -14.73 20.82
N VAL D 19 -3.87 -15.03 21.72
CA VAL D 19 -4.16 -14.15 22.86
C VAL D 19 -4.20 -15.01 24.13
N ALA D 20 -3.29 -14.76 25.05
CA ALA D 20 -3.29 -15.44 26.35
C ALA D 20 -4.02 -14.54 27.36
N ALA D 21 -5.10 -15.04 27.95
CA ALA D 21 -5.98 -14.23 28.79
C ALA D 21 -6.13 -14.86 30.17
N PHE D 22 -5.69 -14.14 31.19
CA PHE D 22 -5.96 -14.49 32.59
C PHE D 22 -6.66 -13.31 33.25
N ASN D 23 -7.93 -13.47 33.60
CA ASN D 23 -8.69 -12.44 34.31
C ASN D 23 -8.67 -11.10 33.55
N GLN D 24 -9.06 -11.15 32.30
CA GLN D 24 -9.04 -9.97 31.42
C GLN D 24 -10.45 -9.45 31.12
N GLU D 25 -11.37 -9.58 32.07
CA GLU D 25 -12.76 -9.24 31.77
C GLU D 25 -12.91 -7.77 31.35
N LYS D 26 -12.01 -6.90 31.82
CA LYS D 26 -12.20 -5.47 31.58
C LYS D 26 -11.94 -5.09 30.13
N TYR D 27 -10.95 -5.70 29.49
CA TYR D 27 -10.49 -5.27 28.17
C TYR D 27 -10.66 -6.29 27.07
N ILE D 28 -10.96 -7.54 27.40
CA ILE D 28 -10.92 -8.60 26.39
C ILE D 28 -11.98 -8.37 25.32
N GLY D 29 -13.10 -7.74 25.68
CA GLY D 29 -14.12 -7.46 24.68
C GLY D 29 -13.62 -6.55 23.56
N ARG D 30 -12.96 -5.45 23.93
CA ARG D 30 -12.40 -4.54 22.91
C ARG D 30 -11.38 -5.25 22.05
N CYS D 31 -10.53 -6.06 22.67
CA CYS D 31 -9.51 -6.81 21.95
C CYS D 31 -10.13 -7.71 20.89
N ILE D 32 -11.06 -8.56 21.31
CA ILE D 32 -11.68 -9.51 20.37
C ILE D 32 -12.46 -8.79 19.27
N ARG D 33 -13.26 -7.77 19.65
CA ARG D 33 -13.97 -7.00 18.63
CA ARG D 33 -13.97 -7.01 18.63
C ARG D 33 -13.02 -6.44 17.58
N SER D 34 -11.85 -5.92 18.02
CA SER D 34 -10.92 -5.36 17.03
C SER D 34 -10.37 -6.45 16.12
N LEU D 35 -10.14 -7.65 16.66
CA LEU D 35 -9.64 -8.75 15.84
C LEU D 35 -10.71 -9.30 14.90
N LEU D 36 -11.98 -9.28 15.32
CA LEU D 36 -13.06 -9.71 14.44
C LEU D 36 -13.40 -8.67 13.37
N ASN D 37 -13.02 -7.40 13.58
CA ASN D 37 -13.29 -6.32 12.64
CA ASN D 37 -13.32 -6.35 12.61
C ASN D 37 -12.14 -6.08 11.67
N GLN D 38 -11.34 -7.10 11.37
CA GLN D 38 -10.24 -6.94 10.41
C GLN D 38 -10.78 -6.90 8.98
N ASN D 39 -10.19 -6.03 8.15
CA ASN D 39 -10.37 -6.06 6.68
C ASN D 39 -9.36 -7.04 6.10
N PHE D 40 -9.59 -8.32 6.40
CA PHE D 40 -8.77 -9.46 5.98
C PHE D 40 -9.82 -10.56 5.90
N PRO D 41 -9.80 -11.40 4.86
CA PRO D 41 -10.88 -12.38 4.71
C PRO D 41 -10.94 -13.33 5.92
N LYS D 42 -12.16 -13.61 6.37
CA LYS D 42 -12.33 -14.43 7.58
C LYS D 42 -11.72 -15.80 7.40
N GLU D 43 -11.78 -16.34 6.18
CA GLU D 43 -11.22 -17.66 5.90
C GLU D 43 -9.70 -17.68 6.00
N ASP D 44 -9.05 -16.52 5.97
CA ASP D 44 -7.60 -16.46 5.92
C ASP D 44 -6.93 -16.26 7.28
N TYR D 45 -7.69 -16.08 8.36
CA TYR D 45 -7.06 -15.96 9.66
C TYR D 45 -7.94 -16.60 10.72
N GLU D 46 -7.32 -16.86 11.88
CA GLU D 46 -8.02 -17.42 13.03
C GLU D 46 -7.59 -16.69 14.29
N ILE D 47 -8.49 -16.65 15.27
CA ILE D 47 -8.25 -16.01 16.56
C ILE D 47 -8.27 -17.10 17.62
N ILE D 48 -7.13 -17.32 18.28
CA ILE D 48 -6.97 -18.37 19.28
C ILE D 48 -6.81 -17.67 20.62
N ILE D 49 -7.77 -17.86 21.52
CA ILE D 49 -7.72 -17.30 22.87
C ILE D 49 -7.50 -18.43 23.87
N ILE D 50 -6.49 -18.30 24.72
CA ILE D 50 -6.25 -19.24 25.81
C ILE D 50 -6.81 -18.58 27.06
N ASN D 51 -7.91 -19.13 27.57
CA ASN D 51 -8.44 -18.72 28.88
C ASN D 51 -7.63 -19.48 29.92
N ASP D 52 -6.64 -18.81 30.49
CA ASP D 52 -5.68 -19.49 31.38
C ASP D 52 -6.20 -19.51 32.81
N GLY D 53 -7.31 -20.23 33.01
CA GLY D 53 -7.84 -20.41 34.35
C GLY D 53 -8.42 -19.16 34.99
N SER D 54 -9.04 -18.29 34.20
CA SER D 54 -9.65 -17.08 34.74
C SER D 54 -10.74 -17.42 35.75
N THR D 55 -10.91 -16.52 36.72
CA THR D 55 -11.98 -16.65 37.70
C THR D 55 -12.94 -15.47 37.66
N ASP D 56 -12.71 -14.51 36.75
CA ASP D 56 -13.64 -13.40 36.59
C ASP D 56 -14.61 -13.72 35.45
N LYS D 57 -15.11 -12.72 34.74
CA LYS D 57 -16.08 -12.97 33.68
C LYS D 57 -15.44 -13.22 32.32
N THR D 58 -14.13 -13.53 32.29
CA THR D 58 -13.46 -13.79 31.02
C THR D 58 -14.09 -14.95 30.26
N LYS D 59 -14.38 -16.05 30.95
CA LYS D 59 -14.98 -17.19 30.26
C LYS D 59 -16.29 -16.78 29.58
N TYR D 60 -17.13 -16.01 30.27
CA TYR D 60 -18.39 -15.56 29.70
C TYR D 60 -18.16 -14.62 28.51
N ALA D 61 -17.20 -13.70 28.64
CA ALA D 61 -16.89 -12.80 27.52
C ALA D 61 -16.53 -13.58 26.26
N LEU D 62 -15.73 -14.64 26.40
CA LEU D 62 -15.39 -15.45 25.22
C LEU D 62 -16.61 -16.17 24.67
N GLU D 63 -17.49 -16.64 25.56
CA GLU D 63 -18.73 -17.28 25.11
C GLU D 63 -19.58 -16.34 24.28
N ILE D 64 -19.52 -15.04 24.56
CA ILE D 64 -20.32 -14.06 23.80
C ILE D 64 -20.03 -14.21 22.32
N PHE D 65 -18.78 -14.53 21.96
CA PHE D 65 -18.38 -14.53 20.57
C PHE D 65 -18.54 -15.89 19.87
N GLY D 66 -18.97 -16.92 20.60
CA GLY D 66 -19.36 -18.17 19.96
C GLY D 66 -18.25 -18.75 19.11
N LYS D 67 -18.62 -19.16 17.90
CA LYS D 67 -17.68 -19.84 17.01
C LYS D 67 -16.78 -18.89 16.22
N GLU D 68 -16.89 -17.58 16.41
CA GLU D 68 -16.02 -16.65 15.68
C GLU D 68 -14.57 -16.74 16.16
N ILE D 69 -14.33 -17.32 17.33
CA ILE D 69 -13.00 -17.46 17.89
C ILE D 69 -12.80 -18.92 18.29
N LYS D 70 -11.52 -19.30 18.43
CA LYS D 70 -11.16 -20.60 18.98
C LYS D 70 -10.66 -20.41 20.41
N VAL D 71 -11.20 -21.20 21.34
CA VAL D 71 -10.90 -21.01 22.75
C VAL D 71 -10.25 -22.27 23.30
N ILE D 72 -9.11 -22.10 23.95
CA ILE D 72 -8.49 -23.15 24.76
C ILE D 72 -8.64 -22.74 26.22
N GLU D 73 -9.29 -23.58 27.01
CA GLU D 73 -9.56 -23.25 28.41
C GLU D 73 -8.68 -24.11 29.30
N ASN D 74 -7.87 -23.49 30.15
CA ASN D 74 -7.15 -24.20 31.19
C ASN D 74 -8.02 -24.19 32.46
N GLU D 75 -8.13 -25.35 33.10
CA GLU D 75 -8.94 -25.45 34.32
C GLU D 75 -8.36 -24.59 35.44
N SER D 76 -7.03 -24.52 35.52
CA SER D 76 -6.36 -23.64 36.47
C SER D 76 -5.28 -22.86 35.74
N ASN D 77 -4.77 -21.81 36.39
CA ASN D 77 -3.81 -20.95 35.73
C ASN D 77 -2.48 -21.69 35.55
N LYS D 78 -2.02 -21.83 34.31
CA LYS D 78 -0.76 -22.50 34.01
C LYS D 78 0.37 -21.55 33.68
N GLY D 79 0.09 -20.29 33.40
CA GLY D 79 1.14 -19.33 33.14
C GLY D 79 1.25 -18.97 31.67
N LEU D 80 1.95 -17.87 31.40
CA LEU D 80 2.04 -17.35 30.04
C LEU D 80 2.73 -18.36 29.11
N SER D 81 3.86 -18.92 29.54
CA SER D 81 4.60 -19.82 28.65
C SER D 81 3.78 -21.05 28.27
N ALA D 82 3.16 -21.69 29.25
CA ALA D 82 2.32 -22.85 28.96
C ALA D 82 1.16 -22.47 28.05
N SER D 83 0.53 -21.32 28.29
CA SER D 83 -0.62 -20.89 27.48
C SER D 83 -0.20 -20.58 26.05
N LEU D 84 0.93 -19.90 25.86
CA LEU D 84 1.39 -19.64 24.50
C LEU D 84 1.80 -20.93 23.79
N ASN D 85 2.38 -21.89 24.52
CA ASN D 85 2.71 -23.17 23.91
C ASN D 85 1.47 -23.87 23.40
N LEU D 86 0.40 -23.89 24.21
CA LEU D 86 -0.84 -24.51 23.78
C LEU D 86 -1.41 -23.82 22.56
N GLY D 87 -1.43 -22.49 22.58
CA GLY D 87 -2.03 -21.76 21.48
C GLY D 87 -1.26 -21.94 20.19
N ILE D 88 0.06 -21.80 20.26
CA ILE D 88 0.86 -21.87 19.04
C ILE D 88 0.89 -23.28 18.49
N ARG D 89 0.97 -24.29 19.37
CA ARG D 89 0.88 -25.68 18.88
C ARG D 89 -0.42 -25.92 18.13
N SER D 90 -1.52 -25.28 18.56
CA SER D 90 -2.81 -25.50 17.91
C SER D 90 -2.99 -24.66 16.64
N ALA D 91 -2.08 -23.75 16.35
CA ALA D 91 -2.30 -22.81 15.26
C ALA D 91 -2.16 -23.51 13.92
N LEU D 92 -3.03 -23.14 12.97
CA LEU D 92 -2.99 -23.69 11.64
C LEU D 92 -2.29 -22.78 10.63
N GLY D 93 -2.03 -21.53 10.98
CA GLY D 93 -1.43 -20.61 10.04
C GLY D 93 0.08 -20.72 9.99
N GLN D 94 0.64 -20.19 8.91
CA GLN D 94 2.09 -20.11 8.72
C GLN D 94 2.66 -18.83 9.30
N PHE D 95 1.80 -17.84 9.55
CA PHE D 95 2.20 -16.60 10.18
C PHE D 95 1.51 -16.51 11.53
N ILE D 96 2.26 -16.14 12.57
CA ILE D 96 1.78 -16.14 13.95
C ILE D 96 2.04 -14.76 14.51
N VAL D 97 1.06 -14.24 15.25
CA VAL D 97 1.22 -12.97 15.93
C VAL D 97 0.53 -13.05 17.28
N ARG D 98 1.17 -12.52 18.31
CA ARG D 98 0.59 -12.45 19.65
C ARG D 98 0.00 -11.06 19.85
N VAL D 99 -1.24 -11.00 20.33
CA VAL D 99 -1.86 -9.74 20.72
C VAL D 99 -2.22 -9.85 22.19
N ASP D 100 -1.87 -8.84 22.98
CA ASP D 100 -2.21 -8.89 24.39
C ASP D 100 -3.70 -8.61 24.58
N ALA D 101 -4.29 -9.25 25.60
CA ALA D 101 -5.73 -9.17 25.80
C ALA D 101 -6.19 -7.78 26.22
N ASP D 102 -5.30 -6.94 26.73
CA ASP D 102 -5.68 -5.59 27.06
C ASP D 102 -5.33 -4.60 25.94
N ASP D 103 -4.83 -5.09 24.81
CA ASP D 103 -4.52 -4.27 23.66
C ASP D 103 -5.65 -4.41 22.61
N TYR D 104 -5.54 -3.66 21.52
CA TYR D 104 -6.40 -3.91 20.37
C TYR D 104 -5.73 -3.30 19.13
N VAL D 105 -6.33 -3.54 17.97
CA VAL D 105 -5.65 -3.25 16.70
C VAL D 105 -6.59 -2.54 15.74
N ASN D 106 -6.00 -1.75 14.85
CA ASN D 106 -6.72 -1.16 13.73
C ASN D 106 -7.24 -2.25 12.80
N SER D 107 -8.30 -1.92 12.06
CA SER D 107 -8.95 -2.88 11.17
C SER D 107 -8.06 -3.33 10.00
N ASP D 108 -6.98 -2.61 9.69
CA ASP D 108 -6.07 -3.01 8.61
C ASP D 108 -4.81 -3.68 9.12
N TYR D 109 -4.75 -3.98 10.41
CA TYR D 109 -3.50 -4.44 11.02
C TYR D 109 -3.05 -5.78 10.44
N VAL D 110 -3.92 -6.79 10.46
CA VAL D 110 -3.52 -8.11 9.98
C VAL D 110 -3.19 -8.06 8.49
N SER D 111 -4.06 -7.43 7.69
CA SER D 111 -3.87 -7.40 6.24
CA SER D 111 -3.85 -7.43 6.24
C SER D 111 -2.53 -6.77 5.85
N ILE D 112 -2.19 -5.66 6.50
CA ILE D 112 -0.99 -4.93 6.09
CA ILE D 112 -0.99 -4.91 6.11
C ILE D 112 0.27 -5.68 6.50
N LEU D 113 0.33 -6.16 7.75
CA LEU D 113 1.49 -6.95 8.17
CA LEU D 113 1.49 -6.94 8.14
C LEU D 113 1.65 -8.19 7.29
N HIS D 114 0.54 -8.87 7.00
CA HIS D 114 0.62 -10.04 6.13
C HIS D 114 1.10 -9.67 4.73
N LYS D 115 0.60 -8.54 4.21
CA LYS D 115 1.02 -8.10 2.88
C LYS D 115 2.53 -7.90 2.82
N PHE D 116 3.10 -7.28 3.85
CA PHE D 116 4.53 -7.01 3.81
C PHE D 116 5.35 -8.30 3.87
N LEU D 117 4.89 -9.29 4.63
CA LEU D 117 5.61 -10.57 4.65
C LEU D 117 5.39 -11.35 3.37
N SER D 118 4.17 -11.33 2.84
CA SER D 118 3.87 -12.12 1.65
CA SER D 118 3.87 -12.12 1.66
C SER D 118 4.64 -11.62 0.44
N TYR D 119 4.76 -10.31 0.30
CA TYR D 119 5.46 -9.74 -0.85
C TYR D 119 6.97 -9.66 -0.67
N ASN D 120 7.49 -9.89 0.53
CA ASN D 120 8.92 -9.70 0.80
C ASN D 120 9.44 -10.91 1.56
N PRO D 121 9.74 -12.00 0.86
CA PRO D 121 10.28 -13.19 1.54
C PRO D 121 11.55 -12.90 2.31
N ASN D 122 12.26 -11.84 1.96
CA ASN D 122 13.46 -11.39 2.64
C ASN D 122 13.18 -10.71 3.98
N PHE D 123 11.93 -10.34 4.28
CA PHE D 123 11.57 -9.84 5.60
C PHE D 123 11.24 -11.02 6.49
N ASP D 124 12.01 -11.22 7.56
CA ASP D 124 11.78 -12.38 8.42
C ASP D 124 10.51 -12.20 9.23
N ALA D 125 10.40 -11.09 9.95
CA ALA D 125 9.22 -10.75 10.75
C ALA D 125 8.92 -9.28 10.54
N VAL D 126 7.69 -8.88 10.86
CA VAL D 126 7.29 -7.48 10.76
C VAL D 126 6.57 -7.04 12.03
N ALA D 127 6.76 -5.77 12.36
CA ALA D 127 5.99 -5.11 13.41
C ALA D 127 5.65 -3.73 12.91
N CYS D 128 4.65 -3.11 13.50
CA CYS D 128 4.31 -1.75 13.09
C CYS D 128 4.37 -0.83 14.31
N ASP D 129 4.23 0.46 14.06
CA ASP D 129 4.18 1.42 15.16
C ASP D 129 2.87 1.26 15.93
N TYR D 130 2.80 1.92 17.07
CA TYR D 130 1.62 1.76 17.91
C TYR D 130 1.31 3.05 18.63
N TYR D 131 0.06 3.19 19.04
CA TYR D 131 -0.34 4.24 19.94
C TYR D 131 -0.41 3.68 21.35
N LEU D 132 0.08 4.44 22.31
CA LEU D 132 -0.24 4.19 23.70
CA LEU D 132 -0.24 4.20 23.71
C LEU D 132 -1.67 4.66 23.96
N VAL D 133 -2.49 3.80 24.57
CA VAL D 133 -3.88 4.17 24.80
C VAL D 133 -4.28 3.94 26.26
N ASP D 134 -5.25 4.74 26.73
CA ASP D 134 -5.74 4.65 28.09
C ASP D 134 -7.01 3.81 28.14
N ASP D 135 -7.70 3.82 29.30
CA ASP D 135 -8.89 2.98 29.47
C ASP D 135 -10.02 3.36 28.53
N HIS D 136 -10.07 4.63 28.13
CA HIS D 136 -11.12 5.12 27.24
C HIS D 136 -10.68 5.18 25.79
N GLU D 137 -9.56 4.54 25.45
CA GLU D 137 -9.10 4.43 24.07
C GLU D 137 -8.69 5.77 23.47
N ASP D 138 -8.33 6.74 24.32
CA ASP D 138 -7.67 7.93 23.80
C ASP D 138 -6.23 7.60 23.42
N PHE D 139 -5.80 8.10 22.25
CA PHE D 139 -4.42 7.90 21.78
C PHE D 139 -3.51 8.88 22.52
N LEU D 140 -2.76 8.37 23.50
CA LEU D 140 -1.91 9.23 24.31
C LEU D 140 -0.69 9.71 23.51
N SER D 141 -0.04 8.80 22.80
CA SER D 141 1.14 9.15 22.00
C SER D 141 1.43 8.01 21.02
N ARG D 142 2.19 8.35 19.98
CA ARG D 142 2.60 7.36 18.99
C ARG D 142 4.03 6.92 19.27
N LYS D 143 4.28 5.62 19.20
CA LYS D 143 5.61 5.08 19.48
C LYS D 143 6.17 4.36 18.25
N ASN D 144 7.45 4.57 18.01
CA ASN D 144 8.17 3.85 16.98
C ASN D 144 8.54 2.48 17.54
N CYS D 145 8.15 1.40 16.86
CA CYS D 145 8.32 0.06 17.43
C CYS D 145 9.77 -0.39 17.50
N MET D 146 10.71 0.28 16.81
CA MET D 146 12.13 -0.04 16.98
C MET D 146 12.77 0.72 18.12
N ILE D 147 12.31 1.95 18.36
CA ILE D 147 12.81 2.75 19.47
C ILE D 147 12.21 2.26 20.78
N ASP D 148 10.95 1.87 20.76
CA ASP D 148 10.21 1.44 21.95
C ASP D 148 9.57 0.10 21.65
N PRO D 149 10.37 -0.96 21.55
CA PRO D 149 9.82 -2.28 21.22
C PRO D 149 8.95 -2.81 22.34
N ILE D 150 7.89 -3.51 21.96
CA ILE D 150 7.04 -4.20 22.93
C ILE D 150 7.07 -5.70 22.63
N GLY D 151 6.51 -6.49 23.55
CA GLY D 151 6.61 -7.93 23.44
C GLY D 151 5.57 -8.59 22.56
N CYS D 152 4.58 -7.83 22.10
N CYS D 152 4.60 -7.84 22.06
CA CYS D 152 3.48 -8.38 21.31
CA CYS D 152 3.50 -8.42 21.30
C CYS D 152 3.40 -7.67 19.96
C CYS D 152 3.27 -7.60 20.04
N GLY D 153 2.51 -8.17 19.12
CA GLY D 153 2.19 -7.48 17.89
C GLY D 153 3.19 -7.69 16.76
N ILE D 154 4.10 -8.65 16.89
CA ILE D 154 5.09 -8.93 15.85
C ILE D 154 4.61 -10.17 15.10
N MET D 155 4.52 -10.06 13.78
CA MET D 155 4.07 -11.19 12.97
C MET D 155 5.31 -11.95 12.50
N PHE D 156 5.36 -13.24 12.84
CA PHE D 156 6.49 -14.12 12.62
C PHE D 156 6.11 -15.22 11.63
N ARG D 157 7.13 -15.77 10.99
CA ARG D 157 7.01 -17.00 10.22
C ARG D 157 7.25 -18.17 11.16
N ILE D 158 6.32 -19.13 11.18
CA ILE D 158 6.32 -20.13 12.24
C ILE D 158 7.60 -20.98 12.20
N GLU D 159 8.07 -21.39 11.01
CA GLU D 159 9.27 -22.24 10.98
C GLU D 159 10.50 -21.51 11.53
N GLN D 160 10.56 -20.18 11.41
CA GLN D 160 11.70 -19.45 11.96
C GLN D 160 11.67 -19.44 13.48
N LEU D 161 10.48 -19.31 14.07
CA LEU D 161 10.36 -19.43 15.53
C LEU D 161 10.81 -20.80 16.01
N ILE D 162 10.32 -21.86 15.35
CA ILE D 162 10.73 -23.21 15.70
C ILE D 162 12.24 -23.37 15.56
N ASP D 163 12.82 -22.78 14.50
CA ASP D 163 14.26 -22.84 14.28
C ASP D 163 15.04 -22.29 15.47
N ILE D 164 14.53 -21.27 16.17
CA ILE D 164 15.33 -20.69 17.25
C ILE D 164 15.06 -21.32 18.61
N GLY D 165 14.16 -22.29 18.69
CA GLY D 165 13.91 -23.00 19.94
C GLY D 165 12.58 -22.72 20.61
N LEU D 166 11.60 -22.21 19.87
CA LEU D 166 10.29 -21.81 20.43
C LEU D 166 9.72 -22.82 21.42
N TYR D 167 9.76 -24.11 21.08
CA TYR D 167 9.11 -25.13 21.87
C TYR D 167 10.00 -25.74 22.94
N ASP D 168 11.25 -25.30 23.06
CA ASP D 168 12.12 -25.82 24.10
C ASP D 168 11.55 -25.52 25.49
N ASP D 169 11.82 -26.42 26.43
CA ASP D 169 11.26 -26.28 27.78
C ASP D 169 11.77 -25.00 28.44
N GLY D 170 10.86 -24.08 28.73
CA GLY D 170 11.19 -22.83 29.38
C GLY D 170 11.37 -21.64 28.45
N PHE D 171 11.47 -21.89 27.14
CA PHE D 171 11.78 -20.81 26.20
C PHE D 171 10.79 -19.65 26.30
N LEU D 172 9.49 -19.93 26.24
CA LEU D 172 8.50 -18.86 26.23
C LEU D 172 8.24 -18.25 27.60
N SER D 173 8.97 -18.67 28.63
CA SER D 173 8.86 -18.05 29.94
C SER D 173 9.85 -16.90 30.11
N HIS D 174 10.71 -16.66 29.13
CA HIS D 174 11.79 -15.69 29.28
C HIS D 174 11.29 -14.30 28.90
N GLU D 175 12.06 -13.28 29.31
CA GLU D 175 11.64 -11.89 29.15
C GLU D 175 11.63 -11.51 27.68
N ASP D 176 10.75 -10.56 27.32
CA ASP D 176 10.55 -10.20 25.93
C ASP D 176 11.86 -9.73 25.29
N LYS D 177 12.63 -8.93 26.03
CA LYS D 177 13.87 -8.40 25.44
C LYS D 177 14.86 -9.52 25.14
N ASP D 178 14.85 -10.58 25.95
CA ASP D 178 15.77 -11.68 25.71
C ASP D 178 15.30 -12.57 24.57
N LEU D 179 13.99 -12.75 24.42
CA LEU D 179 13.48 -13.47 23.25
C LEU D 179 13.76 -12.70 21.98
N ARG D 180 13.71 -11.37 22.05
CA ARG D 180 14.05 -10.57 20.87
C ARG D 180 15.51 -10.75 20.49
N ILE D 181 16.40 -10.77 21.49
CA ILE D 181 17.82 -10.99 21.22
C ILE D 181 18.02 -12.36 20.56
N ARG D 182 17.31 -13.38 21.02
CA ARG D 182 17.48 -14.69 20.41
C ARG D 182 16.98 -14.71 18.96
N PHE D 183 15.87 -14.04 18.69
CA PHE D 183 15.38 -13.98 17.31
C PHE D 183 16.35 -13.22 16.42
N GLU D 184 16.90 -12.12 16.92
CA GLU D 184 17.76 -11.27 16.10
C GLU D 184 19.17 -11.81 15.93
N LYS D 185 19.51 -12.94 16.57
CA LYS D 185 20.81 -13.54 16.27
C LYS D 185 20.89 -13.93 14.80
N LYS D 186 19.81 -14.48 14.23
CA LYS D 186 19.82 -14.88 12.83
C LYS D 186 18.82 -14.13 11.97
N TYR D 187 17.77 -13.55 12.54
CA TYR D 187 16.70 -12.98 11.76
C TYR D 187 16.52 -11.52 12.12
N SER D 188 15.69 -10.81 11.37
CA SER D 188 15.47 -9.40 11.68
C SER D 188 14.01 -9.05 11.57
N ILE D 189 13.59 -8.13 12.42
CA ILE D 189 12.23 -7.58 12.44
C ILE D 189 12.24 -6.34 11.57
N HIS D 190 11.31 -6.28 10.60
CA HIS D 190 11.17 -5.14 9.74
C HIS D 190 10.06 -4.24 10.28
N ARG D 191 10.36 -2.95 10.43
CA ARG D 191 9.35 -1.99 10.88
C ARG D 191 8.47 -1.51 9.73
N VAL D 192 7.15 -1.60 9.92
CA VAL D 192 6.15 -1.04 9.01
C VAL D 192 5.71 0.29 9.60
N GLU D 193 5.90 1.38 8.85
CA GLU D 193 5.79 2.74 9.42
C GLU D 193 4.33 3.21 9.47
N LEU D 194 3.48 2.41 10.13
CA LEU D 194 2.05 2.74 10.29
C LEU D 194 1.65 2.39 11.72
N PRO D 195 0.97 3.29 12.43
CA PRO D 195 0.59 3.00 13.84
C PRO D 195 -0.74 2.23 13.93
N LEU D 196 -0.66 0.92 13.69
CA LEU D 196 -1.87 0.11 13.54
C LEU D 196 -2.17 -0.72 14.78
N TYR D 197 -1.29 -0.71 15.77
CA TYR D 197 -1.48 -1.43 17.01
C TYR D 197 -1.80 -0.43 18.12
N ARG D 198 -2.55 -0.85 19.13
CA ARG D 198 -2.86 -0.01 20.28
C ARG D 198 -2.42 -0.73 21.54
N TYR D 199 -1.52 -0.11 22.30
CA TYR D 199 -0.89 -0.72 23.46
C TYR D 199 -1.39 -0.02 24.72
N ARG D 200 -2.00 -0.79 25.63
CA ARG D 200 -2.67 -0.21 26.79
C ARG D 200 -1.65 0.29 27.81
N ARG D 201 -1.82 1.53 28.25
CA ARG D 201 -0.96 2.11 29.27
C ARG D 201 -1.32 1.54 30.63
N HIS D 202 -0.35 0.86 31.26
CA HIS D 202 -0.55 0.30 32.60
C HIS D 202 0.61 0.67 33.53
C1 EDO E . 29.02 21.11 16.85
O1 EDO E . 28.09 20.43 16.00
C2 EDO E . 30.19 20.17 17.19
O2 EDO E . 29.70 19.10 18.02
C1 EDO F . 40.19 3.63 14.64
O1 EDO F . 40.95 2.79 13.76
C2 EDO F . 38.85 2.97 14.95
O2 EDO F . 39.11 1.81 15.75
C1 CIT G . 47.24 19.40 19.14
O1 CIT G . 47.39 18.17 19.03
O2 CIT G . 48.24 20.14 19.02
C2 CIT G . 45.88 20.02 19.44
C3 CIT G . 44.80 18.98 19.78
O7 CIT G . 44.86 17.94 18.77
C4 CIT G . 45.03 18.41 21.19
C5 CIT G . 44.29 17.09 21.43
O3 CIT G . 44.53 16.41 22.46
O4 CIT G . 43.43 16.66 20.63
C6 CIT G . 43.44 19.68 19.73
O5 CIT G . 42.71 19.71 20.74
O6 CIT G . 43.05 20.21 18.67
C1 CIT H . 31.86 19.15 -2.20
O1 CIT H . 30.81 19.80 -2.00
O2 CIT H . 32.78 19.68 -2.85
C2 CIT H . 32.02 17.76 -1.67
C3 CIT H . 30.80 17.29 -0.89
O7 CIT H . 29.59 17.64 -1.61
C4 CIT H . 30.85 15.77 -0.70
C5 CIT H . 30.41 15.00 -1.93
O3 CIT H . 30.04 13.83 -1.75
O4 CIT H . 30.41 15.46 -3.10
C6 CIT H . 30.79 17.95 0.48
O5 CIT H . 31.77 17.84 1.25
O6 CIT H . 29.80 18.62 0.85
C1 GOL I . 24.25 13.16 8.44
O1 GOL I . 24.83 14.42 8.31
C2 GOL I . 23.61 13.13 9.84
O2 GOL I . 24.16 12.14 10.64
C3 GOL I . 22.09 12.95 9.58
O3 GOL I . 21.48 14.20 9.76
C1 EDO J . 36.80 5.66 27.30
O1 EDO J . 37.65 6.79 27.06
C2 EDO J . 35.34 6.08 27.20
O2 EDO J . 34.50 4.91 27.34
C1 EDO K . 7.01 3.81 -8.53
O1 EDO K . 6.97 5.18 -8.92
C2 EDO K . 5.56 3.30 -8.42
O2 EDO K . 4.97 3.77 -7.19
C1 EDO L . -13.82 6.56 -9.81
O1 EDO L . -15.19 6.59 -10.25
C2 EDO L . -13.59 7.60 -8.73
O2 EDO L . -14.59 7.43 -7.71
C1 CIT M . -5.71 -9.44 -11.31
O1 CIT M . -5.81 -10.69 -11.41
O2 CIT M . -6.75 -8.74 -11.42
C2 CIT M . -4.37 -8.80 -11.07
C3 CIT M . -4.48 -7.64 -10.09
O7 CIT M . -5.31 -6.63 -10.72
C4 CIT M . -5.07 -8.09 -8.75
C5 CIT M . -5.62 -6.94 -7.91
O3 CIT M . -6.25 -7.19 -6.86
O4 CIT M . -5.43 -5.75 -8.23
C6 CIT M . -3.09 -7.06 -9.88
O5 CIT M . -2.49 -7.21 -8.79
O6 CIT M . -2.54 -6.43 -10.82
C1 EDO N . 1.52 12.94 -25.05
O1 EDO N . 0.58 13.44 -24.10
C2 EDO N . 2.24 11.76 -24.39
O2 EDO N . 3.63 11.78 -24.77
C1 EDO O . -38.18 -6.99 -15.58
O1 EDO O . -38.29 -8.24 -16.29
C2 EDO O . -36.80 -6.92 -14.92
O2 EDO O . -36.61 -8.05 -14.05
C1 EDO P . -17.70 -10.19 -13.51
O1 EDO P . -16.42 -10.12 -14.14
C2 EDO P . -18.03 -11.64 -13.22
O2 EDO P . -17.16 -12.09 -12.18
C1 CIT Q . -25.97 5.53 -10.12
O1 CIT Q . -26.06 6.69 -9.66
O2 CIT Q . -24.84 5.00 -10.24
C2 CIT Q . -27.21 4.78 -10.55
C3 CIT Q . -27.20 3.31 -10.13
O7 CIT Q . -26.25 2.60 -10.97
C4 CIT Q . -26.88 3.14 -8.63
C5 CIT Q . -26.41 1.74 -8.29
O3 CIT Q . -25.97 1.49 -7.15
O4 CIT Q . -26.45 0.79 -9.11
C6 CIT Q . -28.59 2.77 -10.41
O5 CIT Q . -29.33 2.39 -9.48
O6 CIT Q . -28.99 2.74 -11.60
C1 EDO R . -30.07 -8.01 -32.08
O1 EDO R . -30.91 -7.08 -32.77
C2 EDO R . -29.51 -9.02 -33.06
O2 EDO R . -28.84 -10.05 -32.32
C1 EDO S . -25.42 -12.30 -2.46
O1 EDO S . -24.87 -13.39 -1.73
C2 EDO S . -24.39 -11.17 -2.55
O2 EDO S . -24.90 -9.98 -1.93
C1 EDO T . 4.66 -3.56 17.59
O1 EDO T . 5.01 -4.86 18.11
C2 EDO T . 3.22 -3.63 17.04
O2 EDO T . 3.24 -4.26 15.75
C1 EDO U . -12.58 -14.39 12.76
O1 EDO U . -13.75 -15.21 12.90
C2 EDO U . -11.49 -15.18 12.03
O2 EDO U . -12.03 -15.65 10.80
C1 CIT V . -12.43 3.40 15.80
O1 CIT V . -13.29 2.49 15.76
O2 CIT V . -12.80 4.57 15.55
C2 CIT V . -11.00 3.09 16.15
C3 CIT V . -10.41 2.03 15.23
O7 CIT V . -10.98 0.75 15.64
C4 CIT V . -10.71 2.32 13.76
C5 CIT V . -10.49 1.14 12.84
O3 CIT V . -9.94 0.09 13.22
O4 CIT V . -10.87 1.17 11.64
C6 CIT V . -8.89 2.00 15.44
O5 CIT V . -8.41 1.51 16.48
O6 CIT V . -8.13 2.46 14.56
C1 CIT W . -0.21 -12.89 34.26
O1 CIT W . -0.26 -13.69 35.21
O2 CIT W . 0.70 -12.01 34.23
C2 CIT W . -1.23 -12.95 33.14
C3 CIT W . -0.57 -13.48 31.87
O7 CIT W . 0.72 -14.06 32.18
C4 CIT W . -1.46 -14.53 31.20
C5 CIT W . -1.36 -15.91 31.82
O3 CIT W . -1.28 -16.12 33.05
O4 CIT W . -1.37 -16.91 31.07
C6 CIT W . -0.38 -12.33 30.89
O5 CIT W . 0.77 -11.93 30.61
O6 CIT W . -1.36 -11.74 30.37
C1 EDO X . 8.68 -11.84 22.27
O1 EDO X . 7.74 -11.49 23.30
C2 EDO X . 9.14 -10.62 21.47
O2 EDO X . 10.12 -9.84 22.19
C1 GOL Y . 6.91 -14.71 20.26
O1 GOL Y . 8.16 -15.35 20.08
C2 GOL Y . 5.78 -15.75 19.98
O2 GOL Y . 4.96 -15.34 18.93
C3 GOL Y . 4.99 -15.82 21.30
O3 GOL Y . 4.77 -14.49 21.73
C1 EDO Z . -5.69 -8.79 2.36
O1 EDO Z . -5.03 -9.34 1.22
C2 EDO Z . -7.11 -8.33 2.00
O2 EDO Z . -7.45 -7.20 2.82
#